data_9IV8
#
_entry.id   9IV8
#
loop_
_entity.id
_entity.type
_entity.pdbx_description
1 polymer 'Sodium/calcium exchanger 1'
2 non-polymer 'CALCIUM ION'
3 non-polymer '[(2R)-2-octanoyloxy-3-[oxidanyl-[(1R,2R,3S,4R,5R,6S)-2,3,6-tris(oxidanyl)-4,5-diphosphonooxy-cyclohexyl]oxy-phosphoryl]oxy-propyl] octanoate'
#
_entity_poly.entity_id   1
_entity_poly.type   'polypeptide(L)'
_entity_poly.pdbx_seq_one_letter_code
;MYNMRRLSLSPTFSMGFHLLVTVSLLFSHVDHVIAETEMEGEGNETGECTGSYYCKKGVILPIWEPQDPSFGDKIARATV
YFVAMVYMFLGVSIIADRFMSSIEVITSQEKEITIKKPNGETTKTTVRIWNETVSNLTLMALGSSAPEILLSVIEVCGHN
FTAGDLGPSTIVGSAAFNMFIIIALCVYVVPDGETRKIKHLRVFFVTAAWSIFAYTWLYIILSVISPGVVEVWEGLLTFF
FFPICVVFAWVADRRLLFYKYVYKRYRAGKQRGMIIEHEGDRPSSKTEIEMDGKVVNSHVENFLDGALVLEVDERDQDDE
EARREMARILKELKQKHPDKEIEQLIELANYQVLSQQQKSRAFYRIQATRLMTGATENDPVSKIFFEQGTYQCLENCGTV
ALTIIRRGGDLTNTVFVDFRTEDGTANAGSDYEFTEGTVVFKPGDTQKEIRVGIIDDDIFEEDENFLVHLSNVKVSSEAS
EDGILEANHVSTLACLGSPSTATVTIFDDDHAGIFTFEEPVTHVSESIGIMEVKVLRTSGARGNVIVPYKTIEGTARGGG
EDFEDTCGELEFQNDEIVKTISVKVIDDEEYEKNKTFFLEIGEPRLVEMSEKKALLLNELGGFTITGKYLFGQPVFRKVH
AREHPILSTVITIADEYDDKQPLTSKEEEERRIAEMGRPILGEHTKLEVIIEESYEFKSTVDKLIKKTNLALVVGTNSWR
EQFIEAITVSAGEDDDDDECGEEKLPSCFDYVMHFLTVFWKVLFAFVPPTEYWNGWACFIVSILMIGLLTAFIGDLASHF
GCTIGLKDSVTAVVFVALGTSVPDTFASKVAATQDQYADASIGNVTGSNAVNVFLGIGVAWSIAAIYHAANGEQFKVSPG
TLAFSVTLFTIFAFINVGVLLYRRRPEIGGELGGPRTAKLLTSCLFVLLWLLYIFFSSLEAYCHIKGFAAAGGSWSHPQF
EKGGGSGGGSGGSAWSHPQFEK
;
_entity_poly.pdbx_strand_id   A
#
# COMPACT_ATOMS: atom_id res chain seq x y z
N SER A 52 3.44 51.86 19.43
CA SER A 52 3.15 53.26 19.65
C SER A 52 1.65 53.52 19.63
N TYR A 53 1.28 54.80 19.71
CA TYR A 53 -0.13 55.20 19.69
C TYR A 53 -0.48 56.05 18.47
N TYR A 54 0.46 56.24 17.54
CA TYR A 54 0.17 56.86 16.26
C TYR A 54 0.08 55.75 15.21
N CYS A 55 -0.97 55.78 14.41
CA CYS A 55 -1.26 54.71 13.47
C CYS A 55 -0.98 55.18 12.05
N LYS A 56 -0.07 54.48 11.37
CA LYS A 56 0.14 54.71 9.94
C LYS A 56 -1.10 54.31 9.16
N LYS A 57 -1.33 54.99 8.05
CA LYS A 57 -2.52 54.75 7.26
C LYS A 57 -2.51 53.33 6.69
N GLY A 58 -3.70 52.73 6.62
CA GLY A 58 -3.83 51.40 6.10
C GLY A 58 -3.83 51.37 4.59
N VAL A 59 -3.89 50.16 4.04
CA VAL A 59 -4.01 49.99 2.60
C VAL A 59 -5.37 50.48 2.12
N ILE A 60 -6.41 50.22 2.92
CA ILE A 60 -7.77 50.61 2.55
C ILE A 60 -8.32 51.61 3.57
N LEU A 61 -8.36 51.20 4.84
CA LEU A 61 -9.01 52.00 5.87
C LEU A 61 -8.13 53.18 6.28
N PRO A 62 -8.69 54.37 6.41
CA PRO A 62 -7.92 55.51 6.93
C PRO A 62 -7.91 55.53 8.45
N ILE A 63 -7.06 56.41 8.99
CA ILE A 63 -6.85 56.49 10.43
C ILE A 63 -8.09 57.11 11.07
N TRP A 64 -8.39 56.65 12.29
CA TRP A 64 -9.36 57.36 13.11
C TRP A 64 -8.76 58.72 13.47
N GLU A 65 -9.47 59.80 13.13
CA GLU A 65 -8.84 61.13 13.17
C GLU A 65 -8.45 61.57 14.58
N PRO A 66 -9.26 61.40 15.62
CA PRO A 66 -8.73 61.63 16.98
C PRO A 66 -7.76 60.54 17.37
N GLN A 67 -6.61 60.96 17.92
CA GLN A 67 -5.56 60.04 18.31
C GLN A 67 -5.28 60.22 19.80
N ASP A 68 -5.13 59.09 20.50
CA ASP A 68 -5.03 59.02 21.96
C ASP A 68 -6.11 59.87 22.62
N PRO A 69 -7.40 59.54 22.41
CA PRO A 69 -8.47 60.43 22.89
C PRO A 69 -8.68 60.37 24.41
N SER A 70 -8.73 59.17 24.97
CA SER A 70 -9.07 58.97 26.37
C SER A 70 -8.82 57.50 26.71
N PHE A 71 -8.80 57.21 28.01
CA PHE A 71 -8.66 55.83 28.46
C PHE A 71 -9.89 55.01 28.11
N GLY A 72 -11.07 55.61 28.17
CA GLY A 72 -12.29 54.88 27.90
C GLY A 72 -12.66 54.79 26.44
N ASP A 73 -12.32 55.80 25.64
CA ASP A 73 -12.68 55.80 24.23
C ASP A 73 -11.87 54.77 23.46
N LYS A 74 -10.69 54.41 23.97
CA LYS A 74 -9.90 53.33 23.38
C LYS A 74 -10.69 52.03 23.34
N ILE A 75 -11.48 51.76 24.38
CA ILE A 75 -12.36 50.60 24.36
C ILE A 75 -13.40 50.73 23.26
N ALA A 76 -14.00 51.93 23.13
CA ALA A 76 -15.05 52.15 22.13
C ALA A 76 -14.54 51.96 20.71
N ARG A 77 -13.25 52.21 20.47
CA ARG A 77 -12.71 51.92 19.14
C ARG A 77 -12.18 50.50 19.00
N ALA A 78 -11.55 49.97 20.07
CA ALA A 78 -10.90 48.67 19.98
C ALA A 78 -11.90 47.54 19.92
N THR A 79 -13.03 47.65 20.62
CA THR A 79 -14.03 46.60 20.53
C THR A 79 -14.64 46.54 19.14
N VAL A 80 -14.79 47.70 18.48
CA VAL A 80 -15.29 47.72 17.10
C VAL A 80 -14.27 47.09 16.17
N TYR A 81 -12.99 47.46 16.33
CA TYR A 81 -11.94 46.90 15.48
C TYR A 81 -11.83 45.39 15.64
N PHE A 82 -11.85 44.91 16.88
CA PHE A 82 -11.68 43.48 17.15
C PHE A 82 -12.90 42.68 16.70
N VAL A 83 -14.11 43.21 16.93
CA VAL A 83 -15.32 42.54 16.46
C VAL A 83 -15.32 42.48 14.93
N ALA A 84 -14.90 43.56 14.28
CA ALA A 84 -14.80 43.56 12.83
C ALA A 84 -13.81 42.52 12.34
N MET A 85 -12.67 42.38 13.03
CA MET A 85 -11.69 41.37 12.62
C MET A 85 -12.24 39.95 12.81
N VAL A 86 -12.91 39.69 13.93
CA VAL A 86 -13.44 38.35 14.19
C VAL A 86 -14.53 38.00 13.18
N TYR A 87 -15.43 38.95 12.89
CA TYR A 87 -16.45 38.71 11.87
C TYR A 87 -15.87 38.69 10.47
N MET A 88 -14.68 39.28 10.27
CA MET A 88 -14.00 39.25 8.99
C MET A 88 -13.36 37.90 8.73
N PHE A 89 -12.91 37.23 9.79
CA PHE A 89 -12.29 35.91 9.64
C PHE A 89 -13.26 34.88 9.07
N LEU A 90 -14.56 35.04 9.31
CA LEU A 90 -15.53 34.09 8.78
C LEU A 90 -15.60 34.16 7.25
N GLY A 91 -15.46 35.36 6.70
CA GLY A 91 -15.42 35.49 5.25
C GLY A 91 -14.27 34.71 4.63
N VAL A 92 -13.08 34.79 5.24
CA VAL A 92 -11.95 33.98 4.80
C VAL A 92 -12.26 32.51 4.99
N SER A 93 -12.83 32.13 6.13
CA SER A 93 -13.13 30.73 6.40
C SER A 93 -14.09 30.12 5.38
N ILE A 94 -14.98 30.93 4.81
CA ILE A 94 -15.92 30.42 3.81
C ILE A 94 -15.34 30.47 2.40
N ILE A 95 -14.74 31.61 2.02
CA ILE A 95 -14.27 31.74 0.65
C ILE A 95 -13.03 30.89 0.41
N ALA A 96 -12.24 30.60 1.46
CA ALA A 96 -11.12 29.67 1.30
C ALA A 96 -11.61 28.24 1.14
N ASP A 97 -12.73 27.90 1.79
CA ASP A 97 -13.36 26.60 1.54
C ASP A 97 -13.80 26.49 0.09
N ARG A 98 -14.42 27.55 -0.43
CA ARG A 98 -14.84 27.52 -1.84
C ARG A 98 -13.65 27.49 -2.78
N PHE A 99 -12.57 28.21 -2.44
CA PHE A 99 -11.35 28.19 -3.22
C PHE A 99 -10.70 26.81 -3.23
N MET A 100 -10.71 26.13 -2.08
CA MET A 100 -10.21 24.78 -1.98
C MET A 100 -11.05 23.81 -2.80
N SER A 101 -12.38 24.01 -2.80
CA SER A 101 -13.25 23.21 -3.66
C SER A 101 -12.91 23.42 -5.13
N SER A 102 -12.67 24.68 -5.53
CA SER A 102 -12.32 24.95 -6.92
C SER A 102 -10.99 24.31 -7.31
N ILE A 103 -9.98 24.37 -6.42
CA ILE A 103 -8.69 23.80 -6.76
C ILE A 103 -8.73 22.27 -6.67
N GLU A 104 -9.72 21.72 -5.94
CA GLU A 104 -10.01 20.30 -6.06
C GLU A 104 -10.57 19.97 -7.44
N VAL A 105 -11.47 20.82 -7.95
CA VAL A 105 -12.07 20.60 -9.26
C VAL A 105 -11.02 20.70 -10.37
N ILE A 106 -10.04 21.59 -10.23
CA ILE A 106 -9.05 21.83 -11.28
C ILE A 106 -8.26 20.56 -11.58
N THR A 107 -7.82 19.86 -10.54
CA THR A 107 -6.92 18.72 -10.69
C THR A 107 -7.63 17.38 -10.53
N SER A 108 -8.85 17.26 -11.05
CA SER A 108 -9.65 16.04 -10.88
C SER A 108 -9.88 15.40 -12.24
N GLN A 109 -9.73 14.08 -12.31
CA GLN A 109 -10.00 13.34 -13.53
C GLN A 109 -11.50 13.08 -13.67
N GLU A 110 -12.01 13.29 -14.87
CA GLU A 110 -13.43 13.16 -15.17
C GLU A 110 -13.77 11.71 -15.51
N LYS A 111 -14.95 11.29 -15.06
CA LYS A 111 -15.42 9.92 -15.29
C LYS A 111 -16.88 9.96 -15.72
N GLU A 112 -17.27 8.97 -16.54
CA GLU A 112 -18.62 8.85 -17.04
C GLU A 112 -19.23 7.54 -16.54
N ILE A 113 -20.44 7.62 -15.99
CA ILE A 113 -21.12 6.50 -15.38
C ILE A 113 -22.45 6.30 -16.09
N THR A 114 -22.73 5.06 -16.50
CA THR A 114 -24.02 4.70 -17.08
C THR A 114 -24.83 4.00 -16.00
N ILE A 115 -25.64 4.77 -15.28
CA ILE A 115 -26.41 4.25 -14.16
C ILE A 115 -27.56 3.41 -14.70
N LYS A 116 -27.69 2.19 -14.18
CA LYS A 116 -28.75 1.25 -14.54
C LYS A 116 -29.86 1.34 -13.50
N LYS A 117 -31.10 1.36 -13.97
CA LYS A 117 -32.26 1.49 -13.11
C LYS A 117 -33.34 0.53 -13.62
N PRO A 118 -34.46 0.34 -12.92
CA PRO A 118 -35.49 -0.58 -13.45
C PRO A 118 -36.08 -0.18 -14.78
N ASN A 119 -36.00 1.10 -15.17
CA ASN A 119 -36.41 1.47 -16.52
C ASN A 119 -35.38 0.96 -17.53
N GLY A 120 -35.84 0.72 -18.76
CA GLY A 120 -34.96 0.18 -19.79
C GLY A 120 -33.82 1.13 -20.14
N GLU A 121 -34.11 2.42 -20.21
CA GLU A 121 -33.09 3.41 -20.52
C GLU A 121 -32.17 3.61 -19.32
N THR A 122 -30.89 3.80 -19.59
CA THR A 122 -29.86 3.96 -18.56
C THR A 122 -29.37 5.40 -18.56
N THR A 123 -29.33 6.01 -17.38
CA THR A 123 -29.00 7.42 -17.28
C THR A 123 -27.50 7.63 -17.39
N LYS A 124 -27.12 8.81 -17.87
CA LYS A 124 -25.72 9.20 -17.97
C LYS A 124 -25.40 10.23 -16.90
N THR A 125 -24.38 9.93 -16.08
CA THR A 125 -24.00 10.78 -14.96
C THR A 125 -22.50 10.99 -15.00
N THR A 126 -22.05 12.17 -14.61
CA THR A 126 -20.64 12.48 -14.52
C THR A 126 -20.22 12.58 -13.06
N VAL A 127 -19.24 11.77 -12.67
CA VAL A 127 -18.58 11.90 -11.38
C VAL A 127 -17.11 12.13 -11.65
N ARG A 128 -16.46 12.84 -10.73
CA ARG A 128 -15.06 13.15 -10.86
C ARG A 128 -14.26 12.41 -9.80
N ILE A 129 -12.97 12.19 -10.04
CA ILE A 129 -12.18 11.39 -9.07
C ILE A 129 -10.93 12.17 -8.64
N TRP A 130 -11.04 13.05 -7.65
CA TRP A 130 -9.83 13.75 -7.13
C TRP A 130 -8.97 12.74 -6.37
N ASN A 131 -7.71 12.59 -6.74
CA ASN A 131 -6.84 11.58 -6.09
C ASN A 131 -5.92 12.30 -5.11
N GLU A 132 -5.87 11.84 -3.86
CA GLU A 132 -4.92 12.45 -2.91
C GLU A 132 -3.52 12.00 -3.32
N THR A 133 -2.65 12.94 -3.68
CA THR A 133 -1.25 12.63 -4.08
C THR A 133 -0.38 13.73 -3.49
N VAL A 134 0.92 13.51 -3.36
CA VAL A 134 1.77 14.54 -2.69
C VAL A 134 1.69 15.85 -3.49
N SER A 135 1.67 15.76 -4.82
CA SER A 135 1.53 16.98 -5.67
C SER A 135 0.19 17.68 -5.43
N ASN A 136 -0.91 16.92 -5.31
CA ASN A 136 -2.25 17.55 -5.18
C ASN A 136 -2.44 18.07 -3.75
N LEU A 137 -1.88 17.37 -2.77
CA LEU A 137 -1.96 17.84 -1.36
C LEU A 137 -1.21 19.17 -1.22
N THR A 138 -0.07 19.32 -1.92
CA THR A 138 0.69 20.59 -1.89
C THR A 138 -0.16 21.73 -2.48
N LEU A 139 -0.85 21.48 -3.59
CA LEU A 139 -1.73 22.51 -4.20
C LEU A 139 -2.89 22.84 -3.25
N MET A 140 -3.48 21.82 -2.63
CA MET A 140 -4.56 22.06 -1.64
C MET A 140 -3.98 22.82 -0.44
N ALA A 141 -2.78 22.45 -0.01
CA ALA A 141 -2.11 23.14 1.12
C ALA A 141 -1.84 24.60 0.74
N LEU A 142 -1.33 24.85 -0.47
CA LEU A 142 -1.07 26.22 -0.96
C LEU A 142 -2.41 26.94 -1.03
N GLY A 143 -3.44 26.24 -1.53
CA GLY A 143 -4.77 26.85 -1.63
C GLY A 143 -5.31 27.11 -0.25
N SER A 144 -5.17 26.15 0.66
CA SER A 144 -5.58 26.45 2.02
C SER A 144 -4.70 27.52 2.67
N SER A 145 -3.44 27.64 2.24
CA SER A 145 -2.49 28.57 2.83
C SER A 145 -2.39 29.88 2.08
N ALA A 146 -3.22 30.09 1.06
CA ALA A 146 -3.25 31.35 0.34
C ALA A 146 -3.44 32.62 1.18
N PRO A 147 -4.31 32.68 2.20
CA PRO A 147 -4.49 33.96 2.92
C PRO A 147 -3.23 34.53 3.55
N GLU A 148 -2.37 33.70 4.14
CA GLU A 148 -1.16 34.22 4.77
C GLU A 148 -0.19 34.76 3.72
N ILE A 149 -0.07 34.08 2.58
CA ILE A 149 0.80 34.55 1.51
C ILE A 149 0.30 35.88 0.97
N LEU A 150 -1.02 36.01 0.77
CA LEU A 150 -1.54 37.27 0.26
C LEU A 150 -1.43 38.37 1.30
N LEU A 151 -1.56 38.04 2.58
CA LEU A 151 -1.35 39.02 3.63
C LEU A 151 0.09 39.53 3.62
N SER A 152 1.06 38.63 3.49
CA SER A 152 2.45 39.06 3.45
C SER A 152 2.74 39.94 2.24
N VAL A 153 2.23 39.55 1.07
CA VAL A 153 2.47 40.32 -0.15
C VAL A 153 1.83 41.70 -0.05
N ILE A 154 0.58 41.77 0.43
CA ILE A 154 -0.12 43.05 0.53
C ILE A 154 0.53 43.93 1.60
N GLU A 155 0.96 43.33 2.71
CA GLU A 155 1.64 44.10 3.76
C GLU A 155 2.93 44.71 3.25
N VAL A 156 3.71 43.95 2.46
CA VAL A 156 4.95 44.50 1.92
C VAL A 156 4.64 45.58 0.88
N CYS A 157 3.73 45.30 -0.05
CA CYS A 157 3.52 46.21 -1.17
C CYS A 157 2.82 47.49 -0.77
N GLY A 158 1.93 47.44 0.24
CA GLY A 158 1.17 48.62 0.60
C GLY A 158 2.01 49.72 1.22
N HIS A 159 2.92 49.35 2.14
CA HIS A 159 3.63 50.33 2.95
C HIS A 159 4.97 50.72 2.34
N ASN A 160 4.95 51.13 1.07
CA ASN A 160 6.12 51.64 0.35
C ASN A 160 7.30 50.66 0.40
N PHE A 161 6.99 49.37 0.25
CA PHE A 161 7.97 48.30 0.13
C PHE A 161 8.88 48.21 1.36
N THR A 162 8.38 48.62 2.52
CA THR A 162 9.12 48.55 3.77
C THR A 162 8.53 47.42 4.61
N ALA A 163 9.39 46.49 5.03
CA ALA A 163 8.92 45.30 5.72
C ALA A 163 8.34 45.65 7.08
N GLY A 164 7.15 45.12 7.37
CA GLY A 164 6.53 45.27 8.66
C GLY A 164 6.63 43.99 9.47
N ASP A 165 6.34 44.12 10.77
CA ASP A 165 6.39 42.96 11.64
C ASP A 165 5.26 41.98 11.33
N LEU A 166 4.11 42.50 10.90
CA LEU A 166 2.90 41.70 10.76
C LEU A 166 3.07 40.57 9.75
N GLY A 167 3.63 40.87 8.58
CA GLY A 167 3.77 39.93 7.50
C GLY A 167 4.48 38.65 7.86
N PRO A 168 5.79 38.73 8.15
CA PRO A 168 6.51 37.53 8.58
C PRO A 168 6.08 37.00 9.94
N SER A 169 5.62 37.89 10.84
CA SER A 169 5.29 37.42 12.19
C SER A 169 4.05 36.55 12.19
N THR A 170 3.05 36.86 11.34
CA THR A 170 1.87 35.99 11.27
C THR A 170 2.20 34.67 10.59
N ILE A 171 3.20 34.65 9.69
CA ILE A 171 3.60 33.40 9.08
C ILE A 171 4.26 32.50 10.11
N VAL A 172 5.16 33.04 10.93
CA VAL A 172 5.80 32.22 11.95
C VAL A 172 4.79 31.79 13.02
N GLY A 173 3.86 32.67 13.38
CA GLY A 173 2.83 32.29 14.34
C GLY A 173 1.92 31.20 13.82
N SER A 174 1.51 31.30 12.54
CA SER A 174 0.74 30.25 11.91
C SER A 174 1.53 28.97 11.76
N ALA A 175 2.85 29.06 11.62
CA ALA A 175 3.68 27.86 11.61
C ALA A 175 3.58 27.12 12.93
N ALA A 176 3.77 27.83 14.03
CA ALA A 176 3.68 27.17 15.34
C ALA A 176 2.27 26.65 15.60
N PHE A 177 1.25 27.43 15.24
CA PHE A 177 -0.13 26.99 15.40
C PHE A 177 -0.39 25.73 14.60
N ASN A 178 0.03 25.71 13.33
CA ASN A 178 -0.17 24.56 12.46
C ASN A 178 0.52 23.33 13.01
N MET A 179 1.77 23.49 13.48
CA MET A 179 2.52 22.34 13.96
C MET A 179 1.96 21.78 15.26
N PHE A 180 1.43 22.62 16.15
CA PHE A 180 1.03 22.13 17.46
C PHE A 180 -0.48 21.91 17.59
N ILE A 181 -1.28 22.96 17.42
CA ILE A 181 -2.70 22.86 17.79
C ILE A 181 -3.45 21.96 16.82
N ILE A 182 -3.16 22.08 15.52
CA ILE A 182 -3.86 21.27 14.53
C ILE A 182 -3.48 19.80 14.67
N ILE A 183 -2.21 19.52 14.99
CA ILE A 183 -1.80 18.13 15.19
C ILE A 183 -2.45 17.57 16.45
N ALA A 184 -2.58 18.38 17.51
CA ALA A 184 -3.32 17.92 18.69
C ALA A 184 -4.78 17.63 18.37
N LEU A 185 -5.41 18.49 17.57
CA LEU A 185 -6.79 18.25 17.17
C LEU A 185 -6.92 16.98 16.34
N CYS A 186 -5.96 16.75 15.44
CA CYS A 186 -5.96 15.53 14.65
C CYS A 186 -5.73 14.30 15.52
N VAL A 187 -4.95 14.43 16.60
CA VAL A 187 -4.80 13.35 17.56
C VAL A 187 -6.14 13.04 18.21
N TYR A 188 -6.86 14.08 18.64
CA TYR A 188 -8.08 13.83 19.41
C TYR A 188 -9.27 13.44 18.56
N VAL A 189 -9.31 13.79 17.27
CA VAL A 189 -10.52 13.54 16.49
C VAL A 189 -10.64 12.09 16.02
N VAL A 190 -9.54 11.34 16.05
CA VAL A 190 -9.61 9.91 15.68
C VAL A 190 -10.49 9.18 16.69
N PRO A 191 -11.50 8.44 16.25
CA PRO A 191 -12.43 7.81 17.20
C PRO A 191 -11.77 6.77 18.08
N ASP A 192 -12.31 6.62 19.28
CA ASP A 192 -11.76 5.66 20.24
C ASP A 192 -11.90 4.24 19.72
N GLY A 193 -10.89 3.42 19.99
CA GLY A 193 -10.83 2.09 19.42
C GLY A 193 -10.23 2.03 18.04
N GLU A 194 -9.82 3.17 17.47
CA GLU A 194 -9.21 3.22 16.16
C GLU A 194 -7.91 4.02 16.24
N THR A 195 -6.94 3.62 15.43
CA THR A 195 -5.65 4.29 15.38
C THR A 195 -5.25 4.50 13.92
N ARG A 196 -4.38 5.48 13.71
CA ARG A 196 -3.87 5.82 12.39
C ARG A 196 -2.35 5.79 12.42
N LYS A 197 -1.76 5.33 11.32
CA LYS A 197 -0.32 5.22 11.20
C LYS A 197 0.11 5.81 9.86
N ILE A 198 1.23 6.53 9.86
CA ILE A 198 1.76 7.11 8.60
C ILE A 198 2.32 5.98 7.76
N LYS A 199 1.69 5.68 6.62
CA LYS A 199 2.13 4.54 5.77
C LYS A 199 3.55 4.82 5.28
N HIS A 200 3.83 6.07 4.89
CA HIS A 200 5.18 6.41 4.37
C HIS A 200 5.92 7.29 5.41
N LEU A 201 6.71 6.67 6.29
CA LEU A 201 7.50 7.44 7.30
C LEU A 201 8.56 8.28 6.60
N ARG A 202 9.23 7.74 5.58
CA ARG A 202 10.34 8.47 4.92
C ARG A 202 9.82 9.74 4.25
N VAL A 203 8.62 9.70 3.67
CA VAL A 203 8.03 10.95 3.10
C VAL A 203 7.86 11.96 4.22
N PHE A 204 7.36 11.52 5.38
CA PHE A 204 7.15 12.43 6.53
C PHE A 204 8.49 13.01 6.98
N PHE A 205 9.54 12.20 7.02
CA PHE A 205 10.89 12.70 7.40
C PHE A 205 11.31 13.80 6.43
N VAL A 206 11.43 13.47 5.14
CA VAL A 206 11.89 14.48 4.18
C VAL A 206 11.07 15.75 4.29
N THR A 207 9.73 15.62 4.35
CA THR A 207 8.87 16.79 4.42
C THR A 207 9.05 17.55 5.73
N ALA A 208 9.14 16.84 6.86
CA ALA A 208 9.32 17.53 8.14
C ALA A 208 10.68 18.24 8.19
N ALA A 209 11.73 17.60 7.67
CA ALA A 209 13.03 18.24 7.62
C ALA A 209 13.00 19.47 6.74
N TRP A 210 12.32 19.39 5.60
CA TRP A 210 12.19 20.55 4.71
C TRP A 210 11.41 21.68 5.36
N SER A 211 10.35 21.33 6.08
CA SER A 211 9.52 22.33 6.75
C SER A 211 10.31 23.08 7.82
N ILE A 212 11.04 22.36 8.67
CA ILE A 212 11.86 23.01 9.69
C ILE A 212 13.03 23.75 9.05
N PHE A 213 13.55 23.22 7.94
CA PHE A 213 14.68 23.83 7.26
C PHE A 213 14.32 25.17 6.65
N ALA A 214 13.06 25.34 6.23
CA ALA A 214 12.59 26.64 5.73
C ALA A 214 12.79 27.73 6.79
N TYR A 215 12.38 27.45 8.02
CA TYR A 215 12.43 28.46 9.07
C TYR A 215 13.86 28.67 9.57
N THR A 216 14.66 27.61 9.65
CA THR A 216 16.05 27.87 10.04
C THR A 216 16.80 28.58 8.92
N TRP A 217 16.38 28.42 7.66
CA TRP A 217 16.95 29.22 6.57
C TRP A 217 16.54 30.68 6.68
N LEU A 218 15.31 30.93 7.12
CA LEU A 218 14.88 32.30 7.42
C LEU A 218 15.80 32.92 8.46
N TYR A 219 16.09 32.16 9.53
CA TYR A 219 17.04 32.64 10.54
C TYR A 219 18.43 32.85 9.96
N ILE A 220 18.82 31.99 9.00
CA ILE A 220 20.14 32.11 8.37
C ILE A 220 20.25 33.42 7.61
N ILE A 221 19.25 33.75 6.79
CA ILE A 221 19.35 34.97 5.99
C ILE A 221 19.16 36.22 6.85
N LEU A 222 18.42 36.13 7.97
CA LEU A 222 18.25 37.33 8.76
C LEU A 222 19.48 37.66 9.62
N SER A 223 20.12 36.65 10.20
CA SER A 223 21.19 36.91 11.15
C SER A 223 22.55 36.35 10.73
N VAL A 224 22.62 35.12 10.24
CA VAL A 224 23.91 34.48 10.02
C VAL A 224 24.60 35.06 8.78
N ILE A 225 23.96 34.92 7.62
CA ILE A 225 24.54 35.42 6.37
C ILE A 225 23.99 36.81 6.07
N SER A 226 24.90 37.78 5.96
CA SER A 226 24.60 39.18 5.65
C SER A 226 23.55 39.72 6.64
N PRO A 227 23.93 39.95 7.89
CA PRO A 227 22.92 40.26 8.91
C PRO A 227 22.25 41.61 8.69
N GLY A 228 20.97 41.67 9.05
CA GLY A 228 20.22 42.90 9.05
C GLY A 228 19.56 43.27 7.74
N VAL A 229 19.98 42.65 6.62
CA VAL A 229 19.47 43.00 5.31
C VAL A 229 19.01 41.73 4.60
N VAL A 230 18.20 41.92 3.56
CA VAL A 230 17.77 40.85 2.68
C VAL A 230 18.14 41.25 1.27
N GLU A 231 19.15 40.60 0.70
CA GLU A 231 19.61 40.93 -0.64
C GLU A 231 18.74 40.20 -1.66
N VAL A 232 18.96 40.52 -2.94
CA VAL A 232 18.22 39.89 -4.02
C VAL A 232 18.52 38.39 -4.08
N TRP A 233 19.79 38.03 -3.94
CA TRP A 233 20.20 36.62 -4.00
C TRP A 233 19.69 35.81 -2.82
N GLU A 234 19.19 36.44 -1.76
CA GLU A 234 18.56 35.73 -0.66
C GLU A 234 17.08 35.51 -0.90
N GLY A 235 16.35 36.58 -1.21
CA GLY A 235 14.91 36.46 -1.44
C GLY A 235 14.56 35.64 -2.66
N LEU A 236 15.29 35.86 -3.76
CA LEU A 236 15.04 35.07 -4.97
C LEU A 236 15.34 33.59 -4.73
N LEU A 237 16.40 33.29 -3.98
CA LEU A 237 16.71 31.92 -3.66
C LEU A 237 15.64 31.29 -2.78
N THR A 238 15.15 32.05 -1.79
CA THR A 238 14.09 31.55 -0.91
C THR A 238 12.82 31.27 -1.70
N PHE A 239 12.53 32.10 -2.70
CA PHE A 239 11.39 31.81 -3.57
C PHE A 239 11.66 30.57 -4.44
N PHE A 240 12.86 30.45 -4.98
CA PHE A 240 13.20 29.33 -5.85
C PHE A 240 13.24 28.00 -5.12
N PHE A 241 13.32 28.02 -3.78
CA PHE A 241 13.21 26.80 -3.01
C PHE A 241 11.89 26.08 -3.23
N PHE A 242 10.79 26.83 -3.45
CA PHE A 242 9.47 26.21 -3.60
C PHE A 242 9.35 25.34 -4.85
N PRO A 243 9.79 25.76 -6.05
CA PRO A 243 9.76 24.82 -7.19
C PRO A 243 10.58 23.57 -6.96
N ILE A 244 11.64 23.63 -6.15
CA ILE A 244 12.36 22.42 -5.79
C ILE A 244 11.45 21.48 -4.99
N CYS A 245 10.64 22.05 -4.09
CA CYS A 245 9.69 21.24 -3.34
C CYS A 245 8.65 20.60 -4.26
N VAL A 246 8.10 21.38 -5.21
CA VAL A 246 7.01 20.81 -6.06
C VAL A 246 7.60 19.80 -7.05
N VAL A 247 8.80 20.05 -7.58
CA VAL A 247 9.44 19.01 -8.44
C VAL A 247 9.71 17.78 -7.58
N PHE A 248 10.13 17.97 -6.33
CA PHE A 248 10.35 16.82 -5.42
C PHE A 248 9.03 16.09 -5.20
N ALA A 249 7.93 16.83 -5.04
CA ALA A 249 6.61 16.18 -4.87
C ALA A 249 6.26 15.39 -6.13
N TRP A 250 6.48 15.96 -7.31
CA TRP A 250 6.11 15.27 -8.57
C TRP A 250 6.95 14.00 -8.70
N VAL A 251 8.26 14.12 -8.46
CA VAL A 251 9.17 12.94 -8.55
C VAL A 251 8.66 11.88 -7.56
N ALA A 252 8.36 12.30 -6.33
CA ALA A 252 7.96 11.32 -5.29
C ALA A 252 6.66 10.62 -5.73
N ASP A 253 5.70 11.37 -6.27
CA ASP A 253 4.39 10.76 -6.62
C ASP A 253 4.61 9.71 -7.72
N ARG A 254 5.40 10.05 -8.73
CA ARG A 254 5.63 9.10 -9.85
C ARG A 254 6.33 7.86 -9.31
N ARG A 255 7.36 8.05 -8.49
CA ARG A 255 8.14 6.91 -7.95
C ARG A 255 7.26 6.05 -7.05
N LEU A 256 6.48 6.67 -6.15
CA LEU A 256 5.69 5.89 -5.18
C LEU A 256 4.65 5.04 -5.91
N LEU A 257 3.94 5.63 -6.88
CA LEU A 257 2.87 4.88 -7.59
C LEU A 257 3.48 3.74 -8.42
N PHE A 258 4.53 4.03 -9.19
CA PHE A 258 5.13 3.01 -10.09
C PHE A 258 5.82 1.90 -9.30
N TYR A 259 6.61 2.26 -8.28
CA TYR A 259 7.40 1.23 -7.55
C TYR A 259 6.50 0.23 -6.83
N LYS A 260 5.45 0.71 -6.15
CA LYS A 260 4.62 -0.21 -5.35
C LYS A 260 3.15 -0.07 -5.77
N TYR A 261 2.47 -1.19 -6.05
CA TYR A 261 1.02 -1.10 -6.35
C TYR A 261 0.32 -0.69 -5.04
N VAL A 262 -0.64 0.23 -5.14
CA VAL A 262 -1.34 0.72 -3.92
C VAL A 262 -2.81 0.29 -4.00
N TYR A 263 -3.32 -0.33 -2.93
CA TYR A 263 -4.77 -0.66 -2.93
C TYR A 263 -5.53 0.66 -2.83
N LYS A 264 -6.55 0.84 -3.67
CA LYS A 264 -7.28 2.11 -3.71
C LYS A 264 -8.66 1.95 -3.11
N ARG A 265 -9.05 2.88 -2.25
CA ARG A 265 -10.37 2.93 -1.66
C ARG A 265 -11.02 4.27 -1.97
N TYR A 266 -12.30 4.26 -2.30
CA TYR A 266 -13.01 5.45 -2.73
C TYR A 266 -14.01 5.87 -1.66
N ARG A 267 -13.99 7.15 -1.31
CA ARG A 267 -14.93 7.73 -0.36
C ARG A 267 -15.58 8.96 -1.01
N ALA A 268 -16.74 9.32 -0.46
CA ALA A 268 -17.51 10.44 -1.00
C ALA A 268 -16.79 11.76 -0.77
N GLY A 269 -16.82 12.63 -1.77
CA GLY A 269 -16.17 13.91 -1.70
C GLY A 269 -17.00 14.95 -0.96
N LYS A 270 -16.40 16.13 -0.83
CA LYS A 270 -17.08 17.24 -0.16
C LYS A 270 -18.20 17.81 -1.04
N GLN A 271 -17.98 17.84 -2.35
CA GLN A 271 -18.91 18.49 -3.27
C GLN A 271 -20.07 17.54 -3.60
N ARG A 272 -20.88 17.93 -4.58
CA ARG A 272 -22.03 17.12 -4.98
C ARG A 272 -21.58 15.89 -5.77
N GLY A 273 -20.60 16.05 -6.65
CA GLY A 273 -20.26 14.99 -7.59
C GLY A 273 -18.80 14.60 -7.65
N MET A 274 -18.11 14.58 -6.51
CA MET A 274 -16.70 14.24 -6.43
C MET A 274 -16.52 13.00 -5.58
N ILE A 275 -15.56 12.15 -5.96
CA ILE A 275 -15.29 10.89 -5.26
C ILE A 275 -13.79 10.86 -4.99
N ILE A 276 -13.41 11.17 -3.74
CA ILE A 276 -12.00 11.15 -3.39
C ILE A 276 -11.50 9.73 -3.28
N GLU A 277 -10.33 9.45 -3.84
CA GLU A 277 -9.72 8.14 -3.72
C GLU A 277 -8.44 8.26 -2.89
N HIS A 278 -8.20 7.27 -2.04
CA HIS A 278 -7.02 7.27 -1.19
C HIS A 278 -6.50 5.84 -1.07
N GLU A 279 -5.19 5.73 -0.86
CA GLU A 279 -4.52 4.46 -0.68
C GLU A 279 -5.02 3.83 0.61
N GLY A 280 -5.27 2.53 0.60
CA GLY A 280 -5.79 1.85 1.77
C GLY A 280 -5.32 0.41 1.82
N ASP A 281 -5.44 -0.19 3.00
CA ASP A 281 -5.03 -1.58 3.18
C ASP A 281 -5.99 -2.53 2.49
N ARG A 282 -5.44 -3.65 2.04
CA ARG A 282 -6.23 -4.76 1.51
C ARG A 282 -6.95 -5.46 2.65
N PRO A 380 -2.55 -80.71 19.22
CA PRO A 380 -2.37 -79.27 19.10
C PRO A 380 -0.89 -78.87 18.96
N VAL A 381 -0.27 -79.27 17.86
CA VAL A 381 1.13 -78.93 17.63
C VAL A 381 1.25 -77.44 17.29
N SER A 382 2.45 -76.91 17.51
CA SER A 382 2.72 -75.51 17.21
C SER A 382 2.70 -75.29 15.71
N LYS A 383 1.99 -74.24 15.28
CA LYS A 383 1.82 -73.92 13.86
C LYS A 383 2.44 -72.56 13.57
N ILE A 384 3.20 -72.50 12.48
CA ILE A 384 3.89 -71.29 12.04
C ILE A 384 3.21 -70.82 10.76
N PHE A 385 2.76 -69.57 10.75
CA PHE A 385 2.03 -69.05 9.60
C PHE A 385 2.14 -67.53 9.57
N PHE A 386 1.85 -66.95 8.41
CA PHE A 386 1.90 -65.50 8.27
C PHE A 386 0.72 -64.85 8.97
N GLU A 387 0.98 -63.65 9.52
CA GLU A 387 -0.05 -62.91 10.22
C GLU A 387 -1.17 -62.48 9.27
N GLN A 388 -0.81 -61.86 8.15
CA GLN A 388 -1.80 -61.31 7.22
C GLN A 388 -2.03 -62.22 6.02
N GLY A 389 -0.97 -62.55 5.28
CA GLY A 389 -1.07 -63.27 4.04
C GLY A 389 -1.10 -62.39 2.81
N THR A 390 -1.32 -61.09 2.98
CA THR A 390 -1.29 -60.13 1.88
C THR A 390 -0.82 -58.80 2.43
N TYR A 391 0.18 -58.20 1.78
CA TYR A 391 0.77 -56.96 2.24
C TYR A 391 0.74 -55.93 1.12
N GLN A 392 0.62 -54.67 1.50
CA GLN A 392 0.56 -53.56 0.55
C GLN A 392 1.63 -52.55 0.93
N CYS A 393 2.64 -52.40 0.07
CA CYS A 393 3.74 -51.46 0.32
C CYS A 393 4.01 -50.65 -0.94
N LEU A 394 4.22 -49.35 -0.74
CA LEU A 394 4.61 -48.49 -1.86
C LEU A 394 6.04 -48.81 -2.28
N GLU A 395 6.38 -48.38 -3.50
CA GLU A 395 7.70 -48.67 -4.04
C GLU A 395 8.79 -47.96 -3.26
N ASN A 396 8.55 -46.71 -2.85
CA ASN A 396 9.57 -45.91 -2.19
C ASN A 396 9.65 -46.13 -0.69
N CYS A 397 8.95 -47.14 -0.16
CA CYS A 397 9.08 -47.45 1.26
C CYS A 397 10.48 -47.94 1.59
N GLY A 398 11.08 -48.74 0.71
CA GLY A 398 12.41 -49.28 0.89
C GLY A 398 12.42 -50.67 1.50
N THR A 399 11.57 -50.91 2.51
CA THR A 399 11.46 -52.21 3.15
C THR A 399 9.99 -52.52 3.42
N VAL A 400 9.58 -53.74 3.12
CA VAL A 400 8.27 -54.25 3.47
C VAL A 400 8.45 -55.20 4.65
N ALA A 401 7.62 -55.00 5.68
CA ALA A 401 7.76 -55.68 6.96
C ALA A 401 6.78 -56.84 7.04
N LEU A 402 7.27 -58.05 6.77
CA LEU A 402 6.46 -59.24 6.91
C LEU A 402 6.56 -59.75 8.34
N THR A 403 5.51 -60.45 8.80
CA THR A 403 5.45 -60.93 10.16
C THR A 403 5.11 -62.41 10.15
N ILE A 404 5.71 -63.17 11.07
CA ILE A 404 5.51 -64.61 11.15
C ILE A 404 5.06 -64.95 12.57
N ILE A 405 3.94 -65.64 12.68
CA ILE A 405 3.29 -65.97 13.95
C ILE A 405 3.47 -67.45 14.21
N ARG A 406 3.95 -67.79 15.41
CA ARG A 406 3.94 -69.16 15.90
C ARG A 406 2.89 -69.24 17.00
N ARG A 407 1.93 -70.14 16.84
CA ARG A 407 0.81 -70.25 17.77
C ARG A 407 0.55 -71.71 18.12
N GLY A 408 0.09 -71.93 19.35
CA GLY A 408 -0.22 -73.26 19.81
C GLY A 408 1.01 -74.03 20.26
N GLY A 409 0.78 -75.30 20.61
CA GLY A 409 1.85 -76.11 21.14
C GLY A 409 2.32 -75.58 22.49
N ASP A 410 3.63 -75.51 22.66
CA ASP A 410 4.23 -74.94 23.87
C ASP A 410 5.16 -73.79 23.48
N LEU A 411 5.11 -72.73 24.27
CA LEU A 411 5.97 -71.58 24.01
C LEU A 411 7.44 -71.91 24.23
N THR A 412 7.73 -72.76 25.21
CA THR A 412 9.11 -73.13 25.55
C THR A 412 9.59 -74.23 24.60
N ASN A 413 9.88 -73.82 23.37
CA ASN A 413 10.39 -74.73 22.36
C ASN A 413 11.24 -73.94 21.37
N THR A 414 12.15 -74.64 20.71
CA THR A 414 13.07 -74.04 19.74
C THR A 414 12.84 -74.67 18.38
N VAL A 415 12.48 -73.85 17.40
CA VAL A 415 12.24 -74.32 16.03
C VAL A 415 12.94 -73.41 15.04
N PHE A 416 13.30 -74.00 13.90
CA PHE A 416 13.94 -73.32 12.78
C PHE A 416 12.97 -73.24 11.61
N VAL A 417 12.90 -72.08 10.97
CA VAL A 417 12.11 -71.92 9.75
C VAL A 417 12.89 -71.04 8.77
N ASP A 418 12.89 -71.44 7.49
CA ASP A 418 13.65 -70.78 6.45
C ASP A 418 12.69 -70.10 5.47
N PHE A 419 12.89 -68.81 5.26
CA PHE A 419 12.05 -68.04 4.34
C PHE A 419 12.87 -67.59 3.14
N ARG A 420 12.35 -67.85 1.95
CA ARG A 420 13.00 -67.41 0.71
C ARG A 420 11.98 -66.79 -0.21
N THR A 421 12.40 -65.73 -0.91
CA THR A 421 11.51 -65.04 -1.84
C THR A 421 11.54 -65.72 -3.20
N GLU A 422 10.38 -65.79 -3.84
CA GLU A 422 10.21 -66.44 -5.13
C GLU A 422 9.62 -65.47 -6.14
N ASP A 423 10.10 -65.60 -7.38
CA ASP A 423 9.69 -64.73 -8.48
C ASP A 423 8.21 -64.85 -8.76
N GLY A 424 7.54 -63.70 -8.87
CA GLY A 424 6.17 -63.64 -9.33
C GLY A 424 6.07 -62.75 -10.54
N THR A 425 5.25 -61.70 -10.46
CA THR A 425 5.24 -60.69 -11.51
C THR A 425 6.49 -59.82 -11.44
N ALA A 426 6.87 -59.39 -10.24
CA ALA A 426 8.09 -58.62 -10.06
C ALA A 426 9.31 -59.53 -10.10
N ASN A 427 10.32 -59.12 -10.87
CA ASN A 427 11.49 -59.94 -11.13
C ASN A 427 12.52 -59.80 -10.01
N ALA A 428 13.14 -60.93 -9.66
CA ALA A 428 14.15 -60.93 -8.60
C ALA A 428 15.40 -60.19 -9.05
N GLY A 429 15.92 -59.33 -8.19
CA GLY A 429 17.12 -58.57 -8.46
C GLY A 429 16.90 -57.23 -9.10
N SER A 430 15.72 -56.99 -9.68
CA SER A 430 15.42 -55.72 -10.34
C SER A 430 14.38 -54.89 -9.62
N ASP A 431 13.39 -55.52 -8.97
CA ASP A 431 12.36 -54.80 -8.25
C ASP A 431 12.36 -55.08 -6.76
N TYR A 432 12.61 -56.32 -6.36
CA TYR A 432 12.77 -56.67 -4.96
C TYR A 432 14.10 -57.39 -4.77
N GLU A 433 14.82 -57.03 -3.72
CA GLU A 433 16.10 -57.67 -3.44
C GLU A 433 15.88 -59.12 -3.03
N PHE A 434 16.67 -60.02 -3.60
CA PHE A 434 16.52 -61.45 -3.33
C PHE A 434 16.99 -61.74 -1.91
N THR A 435 16.04 -61.84 -0.99
CA THR A 435 16.34 -62.01 0.43
C THR A 435 15.99 -63.42 0.85
N GLU A 436 17.01 -64.19 1.21
CA GLU A 436 16.86 -65.55 1.72
C GLU A 436 17.42 -65.60 3.13
N GLY A 437 16.59 -66.01 4.09
CA GLY A 437 16.99 -65.99 5.48
C GLY A 437 16.49 -67.20 6.22
N THR A 438 17.13 -67.45 7.36
CA THR A 438 16.73 -68.50 8.28
C THR A 438 16.55 -67.88 9.66
N VAL A 439 15.43 -68.20 10.32
CA VAL A 439 15.15 -67.64 11.64
C VAL A 439 14.80 -68.74 12.61
N VAL A 440 15.04 -68.46 13.89
CA VAL A 440 14.85 -69.40 14.99
C VAL A 440 13.88 -68.77 15.98
N PHE A 441 12.89 -69.54 16.42
CA PHE A 441 11.97 -69.09 17.46
C PHE A 441 12.57 -69.40 18.82
N LYS A 442 12.92 -68.35 19.57
CA LYS A 442 13.34 -68.52 20.95
C LYS A 442 12.15 -68.97 21.80
N PRO A 443 12.41 -69.71 22.88
CA PRO A 443 11.30 -70.11 23.77
C PRO A 443 10.60 -68.92 24.38
N GLY A 444 9.28 -68.98 24.43
CA GLY A 444 8.47 -67.92 24.97
C GLY A 444 8.14 -66.79 24.01
N ASP A 445 8.56 -66.90 22.75
CA ASP A 445 8.32 -65.86 21.76
C ASP A 445 7.33 -66.37 20.71
N THR A 446 6.33 -65.55 20.41
CA THR A 446 5.28 -65.92 19.46
C THR A 446 5.57 -65.38 18.06
N GLN A 447 5.85 -64.09 17.94
CA GLN A 447 6.00 -63.43 16.66
C GLN A 447 7.47 -63.15 16.34
N LYS A 448 7.78 -63.15 15.05
CA LYS A 448 9.08 -62.71 14.55
C LYS A 448 8.86 -61.87 13.31
N GLU A 449 9.52 -60.72 13.25
CA GLU A 449 9.36 -59.78 12.14
C GLU A 449 10.54 -59.90 11.20
N ILE A 450 10.27 -60.01 9.90
CA ILE A 450 11.30 -60.07 8.88
C ILE A 450 11.07 -58.90 7.91
N ARG A 451 12.15 -58.48 7.26
CA ARG A 451 12.08 -57.38 6.32
C ARG A 451 12.51 -57.86 4.94
N VAL A 452 11.94 -57.26 3.90
CA VAL A 452 12.34 -57.52 2.52
C VAL A 452 12.53 -56.19 1.82
N GLY A 453 13.66 -56.04 1.14
CA GLY A 453 13.96 -54.79 0.47
C GLY A 453 13.16 -54.61 -0.81
N ILE A 454 12.74 -53.38 -1.06
CA ILE A 454 12.02 -53.01 -2.27
C ILE A 454 12.86 -52.01 -3.04
N ILE A 455 13.30 -52.40 -4.24
CA ILE A 455 14.17 -51.57 -5.06
C ILE A 455 13.34 -50.50 -5.73
N ASP A 456 13.77 -49.24 -5.58
CA ASP A 456 13.06 -48.10 -6.12
C ASP A 456 13.82 -47.55 -7.33
N ASP A 457 13.11 -47.37 -8.44
CA ASP A 457 13.66 -46.72 -9.63
C ASP A 457 12.61 -45.74 -10.16
N ASP A 458 12.97 -45.03 -11.23
CA ASP A 458 12.13 -43.97 -11.75
C ASP A 458 11.16 -44.43 -12.83
N ILE A 459 11.26 -45.68 -13.28
CA ILE A 459 10.42 -46.17 -14.37
C ILE A 459 9.01 -46.43 -13.87
N PHE A 460 8.02 -45.99 -14.64
CA PHE A 460 6.64 -46.33 -14.35
C PHE A 460 6.39 -47.80 -14.65
N GLU A 461 5.69 -48.48 -13.73
CA GLU A 461 5.30 -49.87 -13.90
C GLU A 461 3.89 -50.04 -13.37
N GLU A 462 3.30 -51.19 -13.65
CA GLU A 462 2.02 -51.54 -13.07
C GLU A 462 2.24 -52.21 -11.71
N ASP A 463 1.14 -52.53 -11.03
CA ASP A 463 1.23 -53.22 -9.75
C ASP A 463 1.77 -54.63 -9.96
N GLU A 464 2.72 -55.03 -9.12
CA GLU A 464 3.39 -56.32 -9.28
C GLU A 464 3.35 -57.08 -7.97
N ASN A 465 3.69 -58.36 -8.00
CA ASN A 465 3.70 -59.17 -6.79
C ASN A 465 4.85 -60.17 -6.83
N PHE A 466 5.34 -60.51 -5.64
CA PHE A 466 6.35 -61.55 -5.48
C PHE A 466 6.01 -62.38 -4.26
N LEU A 467 6.38 -63.67 -4.31
CA LEU A 467 5.95 -64.60 -3.27
C LEU A 467 7.06 -64.78 -2.24
N VAL A 468 6.65 -65.25 -1.06
CA VAL A 468 7.57 -65.61 0.02
C VAL A 468 7.18 -66.99 0.52
N HIS A 469 8.13 -67.92 0.50
CA HIS A 469 7.89 -69.31 0.87
C HIS A 469 8.64 -69.65 2.14
N LEU A 470 7.93 -70.26 3.09
CA LEU A 470 8.52 -70.78 4.31
C LEU A 470 8.70 -72.29 4.16
N SER A 471 9.81 -72.81 4.70
CA SER A 471 10.12 -74.22 4.56
C SER A 471 11.09 -74.63 5.66
N ASN A 472 11.37 -75.93 5.70
CA ASN A 472 12.40 -76.54 6.55
C ASN A 472 12.22 -76.19 8.02
N VAL A 473 11.02 -76.44 8.53
CA VAL A 473 10.76 -76.27 9.96
C VAL A 473 11.37 -77.44 10.71
N LYS A 474 12.21 -77.15 11.70
CA LYS A 474 12.89 -78.19 12.45
C LYS A 474 12.79 -77.90 13.94
N VAL A 475 12.88 -78.96 14.75
CA VAL A 475 12.78 -78.88 16.19
C VAL A 475 14.17 -79.14 16.78
N SER A 476 14.62 -78.24 17.66
CA SER A 476 15.91 -78.36 18.30
C SER A 476 15.74 -78.77 19.76
N SER A 477 16.46 -79.81 20.15
CA SER A 477 16.46 -80.34 21.53
C SER A 477 15.07 -80.70 22.02
N THR A 492 5.11 -83.80 12.91
CA THR A 492 5.96 -83.91 14.09
C THR A 492 5.55 -82.90 15.16
N LEU A 493 6.52 -82.48 15.97
CA LEU A 493 6.23 -81.49 17.02
C LEU A 493 5.89 -80.13 16.42
N ALA A 494 6.57 -79.76 15.34
CA ALA A 494 6.35 -78.48 14.66
C ALA A 494 5.79 -78.75 13.27
N CYS A 495 4.63 -78.17 12.99
CA CYS A 495 4.01 -78.28 11.67
C CYS A 495 3.72 -76.90 11.13
N LEU A 496 3.86 -76.76 9.81
CA LEU A 496 3.69 -75.48 9.14
C LEU A 496 2.20 -75.12 9.07
N GLY A 497 1.92 -73.83 9.18
CA GLY A 497 0.55 -73.36 9.10
C GLY A 497 -0.01 -73.39 7.69
N SER A 498 -1.33 -73.32 7.61
CA SER A 498 -1.99 -73.31 6.30
C SER A 498 -1.62 -72.11 5.43
N PRO A 499 -1.63 -70.84 5.90
CA PRO A 499 -1.14 -69.77 4.99
C PRO A 499 0.38 -69.66 5.03
N SER A 500 1.03 -70.70 4.51
CA SER A 500 2.49 -70.75 4.52
C SER A 500 3.10 -69.69 3.61
N THR A 501 2.55 -69.51 2.41
CA THR A 501 3.13 -68.62 1.43
C THR A 501 2.48 -67.24 1.50
N ALA A 502 3.29 -66.21 1.30
CA ALA A 502 2.80 -64.82 1.30
C ALA A 502 2.97 -64.22 -0.09
N THR A 503 2.11 -63.26 -0.41
CA THR A 503 2.09 -62.61 -1.71
C THR A 503 2.19 -61.11 -1.51
N VAL A 504 3.40 -60.56 -1.61
CA VAL A 504 3.62 -59.14 -1.40
C VAL A 504 3.36 -58.41 -2.71
N THR A 505 2.65 -57.28 -2.63
CA THR A 505 2.30 -56.49 -3.79
C THR A 505 2.95 -55.12 -3.71
N ILE A 506 3.50 -54.68 -4.84
CA ILE A 506 4.17 -53.39 -4.96
C ILE A 506 3.34 -52.51 -5.90
N PHE A 507 2.99 -51.31 -5.41
CA PHE A 507 2.30 -50.30 -6.19
C PHE A 507 3.32 -49.28 -6.68
N ASP A 508 3.59 -49.28 -7.97
CA ASP A 508 4.48 -48.27 -8.53
C ASP A 508 3.78 -46.93 -8.56
N ASP A 509 4.55 -45.86 -8.34
CA ASP A 509 4.00 -44.51 -8.21
C ASP A 509 4.84 -43.51 -8.97
N ASP A 510 5.33 -43.89 -10.15
CA ASP A 510 6.23 -43.05 -10.93
C ASP A 510 5.55 -42.42 -12.15
N HIS A 511 4.27 -42.13 -12.05
CA HIS A 511 3.59 -41.34 -13.07
C HIS A 511 4.11 -39.90 -13.02
N ALA A 512 4.38 -39.34 -14.20
CA ALA A 512 4.95 -38.00 -14.24
C ALA A 512 3.93 -36.90 -13.96
N GLY A 513 2.65 -37.18 -14.09
CA GLY A 513 1.65 -36.22 -13.67
C GLY A 513 0.46 -36.07 -14.60
N ILE A 514 -0.58 -35.41 -14.10
CA ILE A 514 -1.76 -35.03 -14.87
C ILE A 514 -2.06 -33.59 -14.49
N PHE A 515 -1.94 -32.67 -15.45
CA PHE A 515 -1.98 -31.24 -15.17
C PHE A 515 -3.35 -30.68 -15.51
N THR A 516 -4.03 -30.12 -14.51
CA THR A 516 -5.36 -29.57 -14.66
C THR A 516 -5.39 -28.17 -14.10
N PHE A 517 -6.21 -27.31 -14.70
CA PHE A 517 -6.59 -26.09 -14.02
C PHE A 517 -7.57 -26.40 -12.89
N GLU A 518 -7.56 -25.56 -11.86
CA GLU A 518 -8.37 -25.84 -10.68
C GLU A 518 -9.87 -25.77 -10.99
N GLU A 519 -10.29 -24.75 -11.74
CA GLU A 519 -11.68 -24.57 -12.11
C GLU A 519 -11.75 -24.03 -13.53
N PRO A 520 -12.82 -24.33 -14.27
CA PRO A 520 -12.89 -23.89 -15.67
C PRO A 520 -13.13 -22.40 -15.85
N VAL A 521 -13.67 -21.69 -14.87
CA VAL A 521 -13.96 -20.27 -15.03
C VAL A 521 -13.81 -19.56 -13.68
N THR A 522 -13.14 -18.41 -13.69
CA THR A 522 -12.98 -17.58 -12.51
C THR A 522 -13.41 -16.15 -12.83
N HIS A 523 -14.13 -15.53 -11.90
CA HIS A 523 -14.52 -14.13 -12.00
C HIS A 523 -13.60 -13.30 -11.10
N VAL A 524 -12.99 -12.26 -11.68
CA VAL A 524 -12.03 -11.43 -10.96
C VAL A 524 -12.30 -9.97 -11.28
N SER A 525 -11.84 -9.09 -10.39
CA SER A 525 -11.90 -7.65 -10.59
C SER A 525 -10.51 -7.11 -10.91
N GLU A 526 -10.47 -5.86 -11.39
CA GLU A 526 -9.18 -5.29 -11.77
C GLU A 526 -8.36 -4.88 -10.55
N SER A 527 -8.98 -4.79 -9.37
CA SER A 527 -8.27 -4.38 -8.17
C SER A 527 -7.26 -5.40 -7.70
N ILE A 528 -7.34 -6.64 -8.20
CA ILE A 528 -6.40 -7.68 -7.77
C ILE A 528 -4.99 -7.39 -8.29
N GLY A 529 -4.87 -6.68 -9.41
CA GLY A 529 -3.57 -6.43 -10.00
C GLY A 529 -2.91 -7.68 -10.53
N ILE A 530 -1.83 -8.11 -9.89
CA ILE A 530 -1.18 -9.36 -10.24
C ILE A 530 -1.94 -10.51 -9.58
N MET A 531 -2.38 -11.47 -10.40
CA MET A 531 -3.17 -12.59 -9.94
C MET A 531 -2.41 -13.89 -10.18
N GLU A 532 -2.65 -14.86 -9.30
CA GLU A 532 -2.00 -16.16 -9.34
C GLU A 532 -3.04 -17.22 -9.70
N VAL A 533 -2.72 -18.04 -10.70
CA VAL A 533 -3.58 -19.15 -11.11
C VAL A 533 -2.82 -20.45 -10.88
N LYS A 534 -3.38 -21.34 -10.08
CA LYS A 534 -2.73 -22.60 -9.78
C LYS A 534 -2.90 -23.58 -10.92
N VAL A 535 -1.91 -24.46 -11.11
CA VAL A 535 -1.95 -25.52 -12.10
C VAL A 535 -1.67 -26.82 -11.36
N LEU A 536 -2.73 -27.56 -11.03
CA LEU A 536 -2.59 -28.77 -10.23
C LEU A 536 -1.93 -29.88 -11.02
N ARG A 537 -1.07 -30.63 -10.36
CA ARG A 537 -0.38 -31.79 -10.94
C ARG A 537 -0.75 -33.00 -10.08
N THR A 538 -1.69 -33.81 -10.56
CA THR A 538 -2.20 -34.94 -9.80
C THR A 538 -1.70 -36.25 -10.37
N SER A 539 -2.06 -37.34 -9.68
CA SER A 539 -1.84 -38.73 -10.06
C SER A 539 -0.38 -39.15 -10.10
N GLY A 540 0.55 -38.25 -9.81
CA GLY A 540 1.95 -38.62 -9.78
C GLY A 540 2.82 -37.39 -9.64
N ALA A 541 4.09 -37.64 -9.32
CA ALA A 541 5.02 -36.53 -9.11
C ALA A 541 6.38 -36.71 -9.75
N ARG A 542 6.76 -37.90 -10.21
CA ARG A 542 8.13 -38.16 -10.66
C ARG A 542 8.49 -37.33 -11.89
N GLY A 543 9.79 -37.11 -12.05
CA GLY A 543 10.31 -36.40 -13.21
C GLY A 543 10.14 -34.90 -13.10
N ASN A 544 10.70 -34.23 -14.09
CA ASN A 544 10.61 -32.78 -14.26
C ASN A 544 9.91 -32.50 -15.57
N VAL A 545 8.92 -31.63 -15.56
CA VAL A 545 8.03 -31.48 -16.71
C VAL A 545 7.84 -30.00 -17.02
N ILE A 546 8.01 -29.62 -18.28
CA ILE A 546 7.68 -28.27 -18.73
C ILE A 546 6.28 -28.27 -19.32
N VAL A 547 5.45 -27.34 -18.84
CA VAL A 547 4.11 -27.11 -19.37
C VAL A 547 4.10 -25.72 -20.00
N PRO A 548 4.05 -25.60 -21.32
CA PRO A 548 3.91 -24.26 -21.92
C PRO A 548 2.53 -23.69 -21.62
N TYR A 549 2.48 -22.37 -21.47
CA TYR A 549 1.23 -21.67 -21.19
C TYR A 549 1.22 -20.34 -21.92
N LYS A 550 0.02 -19.88 -22.26
CA LYS A 550 -0.14 -18.61 -22.95
C LYS A 550 -1.52 -18.04 -22.63
N THR A 551 -1.69 -16.77 -22.96
CA THR A 551 -2.95 -16.05 -22.75
C THR A 551 -3.54 -15.68 -24.10
N ILE A 552 -4.84 -15.94 -24.26
CA ILE A 552 -5.56 -15.67 -25.50
C ILE A 552 -6.54 -14.53 -25.24
N GLU A 553 -6.53 -13.53 -26.11
CA GLU A 553 -7.42 -12.39 -25.98
C GLU A 553 -8.83 -12.80 -26.42
N GLY A 554 -9.79 -12.66 -25.52
CA GLY A 554 -11.18 -12.90 -25.87
C GLY A 554 -11.89 -11.61 -26.15
N THR A 555 -12.92 -11.31 -25.36
CA THR A 555 -13.55 -9.99 -25.44
C THR A 555 -12.59 -8.91 -24.96
N ALA A 556 -11.83 -9.19 -23.92
CA ALA A 556 -10.85 -8.24 -23.38
C ALA A 556 -9.64 -8.19 -24.29
N ARG A 557 -9.50 -7.11 -25.06
CA ARG A 557 -8.34 -6.93 -25.91
C ARG A 557 -7.10 -6.70 -25.06
N GLY A 558 -6.03 -7.44 -25.35
CA GLY A 558 -4.83 -7.37 -24.55
C GLY A 558 -3.62 -6.83 -25.29
N GLY A 559 -3.18 -5.64 -24.90
CA GLY A 559 -1.94 -5.06 -25.38
C GLY A 559 -1.24 -4.31 -24.28
N GLY A 560 -1.44 -4.76 -23.04
CA GLY A 560 -1.02 -4.01 -21.88
C GLY A 560 -2.02 -2.98 -21.40
N GLU A 561 -3.15 -2.84 -22.09
CA GLU A 561 -4.19 -1.88 -21.68
C GLU A 561 -5.25 -2.51 -20.80
N ASP A 562 -5.50 -3.81 -20.94
CA ASP A 562 -6.43 -4.53 -20.08
C ASP A 562 -5.80 -5.71 -19.37
N PHE A 563 -4.85 -6.41 -20.01
CA PHE A 563 -4.04 -7.40 -19.35
C PHE A 563 -2.72 -7.52 -20.10
N GLU A 564 -1.67 -7.89 -19.37
CA GLU A 564 -0.35 -8.07 -19.98
C GLU A 564 -0.26 -9.44 -20.63
N ASP A 565 0.16 -9.48 -21.89
CA ASP A 565 0.30 -10.74 -22.62
C ASP A 565 1.50 -11.50 -22.07
N THR A 566 1.25 -12.64 -21.42
CA THR A 566 2.30 -13.51 -20.90
C THR A 566 2.26 -14.83 -21.64
N CYS A 567 3.42 -15.22 -22.19
CA CYS A 567 3.58 -16.53 -22.83
C CYS A 567 4.86 -17.14 -22.29
N GLY A 568 4.72 -18.24 -21.54
CA GLY A 568 5.85 -18.79 -20.81
C GLY A 568 5.82 -20.30 -20.79
N GLU A 569 6.76 -20.88 -20.05
CA GLU A 569 6.91 -22.32 -19.92
C GLU A 569 7.12 -22.65 -18.43
N LEU A 570 6.07 -23.09 -17.77
CA LEU A 570 6.18 -23.52 -16.37
C LEU A 570 7.05 -24.75 -16.26
N GLU A 571 7.87 -24.82 -15.22
CA GLU A 571 8.70 -26.00 -14.97
C GLU A 571 8.32 -26.60 -13.63
N PHE A 572 7.90 -27.86 -13.65
CA PHE A 572 7.51 -28.60 -12.46
C PHE A 572 8.66 -29.52 -12.09
N GLN A 573 9.28 -29.26 -10.94
CA GLN A 573 10.40 -30.06 -10.46
C GLN A 573 9.90 -31.41 -9.94
N ASN A 574 10.83 -32.19 -9.41
CA ASN A 574 10.49 -33.47 -8.82
C ASN A 574 9.67 -33.25 -7.54
N ASP A 575 8.54 -33.94 -7.44
CA ASP A 575 7.65 -33.88 -6.28
C ASP A 575 7.17 -32.46 -5.98
N GLU A 576 6.91 -31.69 -7.03
CA GLU A 576 6.32 -30.37 -6.90
C GLU A 576 4.94 -30.43 -7.52
N ILE A 577 3.91 -30.17 -6.72
CA ILE A 577 2.53 -30.41 -7.13
C ILE A 577 1.89 -29.18 -7.74
N VAL A 578 2.04 -28.01 -7.12
CA VAL A 578 1.32 -26.81 -7.52
C VAL A 578 2.32 -25.76 -8.00
N LYS A 579 2.04 -25.18 -9.17
CA LYS A 579 2.79 -24.06 -9.70
C LYS A 579 1.80 -22.95 -10.06
N THR A 580 2.24 -21.70 -9.95
CA THR A 580 1.37 -20.55 -10.13
C THR A 580 1.76 -19.76 -11.37
N ILE A 581 0.74 -19.40 -12.15
CA ILE A 581 0.89 -18.52 -13.30
C ILE A 581 0.52 -17.11 -12.86
N SER A 582 1.40 -16.15 -13.10
CA SER A 582 1.19 -14.77 -12.71
C SER A 582 0.70 -13.97 -13.90
N VAL A 583 -0.48 -13.34 -13.75
CA VAL A 583 -1.09 -12.54 -14.81
C VAL A 583 -1.35 -11.15 -14.28
N LYS A 584 -1.00 -10.14 -15.06
CA LYS A 584 -1.22 -8.75 -14.67
C LYS A 584 -2.51 -8.23 -15.30
N VAL A 585 -3.38 -7.67 -14.47
CA VAL A 585 -4.66 -7.11 -14.91
C VAL A 585 -4.60 -5.61 -14.67
N ILE A 586 -4.86 -4.83 -15.72
CA ILE A 586 -4.77 -3.38 -15.65
C ILE A 586 -6.05 -2.82 -15.04
N ASP A 587 -5.89 -1.95 -14.04
CA ASP A 587 -7.02 -1.39 -13.31
C ASP A 587 -7.55 -0.17 -14.06
N ASP A 588 -8.65 -0.37 -14.78
CA ASP A 588 -9.34 0.72 -15.47
C ASP A 588 -10.38 1.40 -14.61
N GLU A 589 -10.67 0.83 -13.42
CA GLU A 589 -11.63 1.35 -12.43
C GLU A 589 -12.96 1.77 -13.05
N GLU A 590 -13.41 1.02 -14.05
CA GLU A 590 -14.71 1.25 -14.65
C GLU A 590 -15.82 0.80 -13.70
N TYR A 591 -16.97 1.47 -13.80
CA TYR A 591 -18.09 1.16 -12.91
C TYR A 591 -18.64 -0.23 -13.16
N GLU A 592 -18.67 -0.67 -14.41
CA GLU A 592 -19.22 -1.99 -14.74
C GLU A 592 -18.67 -2.45 -16.08
N LYS A 593 -18.03 -3.61 -16.10
CA LYS A 593 -17.61 -4.24 -17.33
C LYS A 593 -17.51 -5.75 -17.12
N ASN A 594 -17.63 -6.49 -18.22
CA ASN A 594 -17.67 -7.95 -18.17
C ASN A 594 -16.77 -8.53 -19.26
N LYS A 595 -15.55 -8.03 -19.36
CA LYS A 595 -14.62 -8.47 -20.38
C LYS A 595 -13.94 -9.78 -19.97
N THR A 596 -13.74 -10.68 -20.93
CA THR A 596 -13.21 -12.01 -20.68
C THR A 596 -11.96 -12.25 -21.51
N PHE A 597 -11.04 -13.06 -20.96
CA PHE A 597 -9.90 -13.53 -21.72
C PHE A 597 -9.53 -14.93 -21.25
N PHE A 598 -8.98 -15.73 -22.16
CA PHE A 598 -8.68 -17.11 -21.87
C PHE A 598 -7.20 -17.31 -21.56
N LEU A 599 -6.89 -18.42 -20.90
CA LEU A 599 -5.53 -18.79 -20.58
C LEU A 599 -5.40 -20.30 -20.77
N GLU A 600 -4.45 -20.72 -21.61
CA GLU A 600 -4.39 -22.10 -22.05
C GLU A 600 -2.99 -22.68 -21.84
N ILE A 601 -2.94 -23.93 -21.42
CA ILE A 601 -1.69 -24.67 -21.26
C ILE A 601 -1.59 -25.72 -22.35
N GLY A 602 -0.41 -25.85 -22.94
CA GLY A 602 -0.19 -26.75 -24.05
C GLY A 602 0.21 -28.15 -23.61
N GLU A 603 0.70 -28.91 -24.57
CA GLU A 603 1.13 -30.28 -24.30
C GLU A 603 2.41 -30.27 -23.50
N PRO A 604 2.48 -30.98 -22.37
CA PRO A 604 3.70 -30.99 -21.55
C PRO A 604 4.68 -32.08 -21.98
N ARG A 605 5.96 -31.79 -21.75
CA ARG A 605 7.04 -32.70 -22.13
C ARG A 605 7.95 -32.94 -20.94
N LEU A 606 8.19 -34.22 -20.65
CA LEU A 606 9.18 -34.61 -19.64
C LEU A 606 10.58 -34.34 -20.16
N VAL A 607 11.48 -33.87 -19.28
CA VAL A 607 12.84 -33.52 -19.68
C VAL A 607 13.91 -34.38 -18.99
N GLU A 608 14.02 -34.31 -17.66
CA GLU A 608 15.13 -34.94 -16.99
C GLU A 608 14.73 -36.29 -16.42
N MET A 609 15.64 -37.25 -16.52
CA MET A 609 15.31 -38.65 -16.31
C MET A 609 16.57 -39.44 -16.04
N SER A 610 16.39 -40.65 -15.53
CA SER A 610 17.51 -41.58 -15.39
C SER A 610 17.86 -42.17 -16.75
N GLU A 611 18.97 -42.91 -16.79
CA GLU A 611 19.42 -43.50 -18.04
C GLU A 611 18.50 -44.63 -18.50
N LYS A 612 18.06 -45.48 -17.55
CA LYS A 612 17.23 -46.63 -17.91
C LYS A 612 15.87 -46.18 -18.42
N LYS A 613 15.28 -45.16 -17.81
CA LYS A 613 14.02 -44.61 -18.32
C LYS A 613 14.22 -43.99 -19.69
N ALA A 614 15.37 -43.35 -19.92
CA ALA A 614 15.65 -42.78 -21.23
C ALA A 614 15.77 -43.86 -22.30
N LEU A 615 16.36 -45.00 -21.95
CA LEU A 615 16.39 -46.12 -22.89
C LEU A 615 15.00 -46.70 -23.14
N LEU A 616 14.18 -46.81 -22.08
CA LEU A 616 12.87 -47.41 -22.24
C LEU A 616 11.93 -46.53 -23.06
N LEU A 617 11.95 -45.21 -22.81
CA LEU A 617 11.13 -44.29 -23.60
C LEU A 617 11.72 -44.01 -24.97
N ASN A 618 12.96 -44.47 -25.23
CA ASN A 618 13.61 -44.35 -26.53
C ASN A 618 13.77 -42.91 -26.98
N GLU A 619 14.23 -42.06 -26.06
CA GLU A 619 14.53 -40.68 -26.41
C GLU A 619 15.79 -40.60 -27.26
N LEU A 620 15.78 -39.71 -28.25
CA LEU A 620 16.87 -39.58 -29.21
C LEU A 620 17.62 -38.26 -29.12
N GLY A 621 17.12 -37.30 -28.35
CA GLY A 621 17.72 -35.99 -28.31
C GLY A 621 19.01 -35.95 -27.52
N GLY A 622 19.57 -34.74 -27.42
CA GLY A 622 20.81 -34.55 -26.68
C GLY A 622 20.57 -34.52 -25.18
N PHE A 623 21.46 -35.17 -24.45
CA PHE A 623 21.36 -35.30 -22.99
C PHE A 623 22.60 -34.68 -22.36
N THR A 624 22.39 -33.72 -21.47
CA THR A 624 23.46 -33.17 -20.64
C THR A 624 23.40 -33.86 -19.29
N ILE A 625 24.55 -34.36 -18.83
CA ILE A 625 24.61 -35.02 -17.53
C ILE A 625 24.64 -33.97 -16.44
N THR A 626 23.77 -34.13 -15.45
CA THR A 626 23.69 -33.23 -14.31
C THR A 626 24.25 -33.93 -13.09
N GLY A 627 24.84 -33.16 -12.18
CA GLY A 627 25.48 -33.72 -11.01
C GLY A 627 24.52 -34.31 -9.99
N LYS A 628 23.24 -33.96 -10.07
CA LYS A 628 22.26 -34.44 -9.10
C LYS A 628 22.09 -35.95 -9.21
N TYR A 629 21.97 -36.60 -8.06
CA TYR A 629 21.74 -38.04 -7.99
C TYR A 629 20.34 -38.30 -7.43
N LEU A 630 19.57 -39.09 -8.16
CA LEU A 630 18.25 -39.54 -7.73
C LEU A 630 18.23 -41.06 -7.73
N PHE A 631 17.93 -41.66 -6.58
CA PHE A 631 17.79 -43.11 -6.40
C PHE A 631 19.08 -43.86 -6.73
N GLY A 632 20.23 -43.20 -6.63
CA GLY A 632 21.49 -43.83 -6.95
C GLY A 632 21.88 -43.83 -8.41
N GLN A 633 21.17 -43.08 -9.25
CA GLN A 633 21.46 -42.99 -10.67
C GLN A 633 21.58 -41.53 -11.07
N PRO A 634 22.44 -41.22 -12.04
CA PRO A 634 22.57 -39.83 -12.50
C PRO A 634 21.32 -39.38 -13.23
N VAL A 635 21.08 -38.07 -13.20
CA VAL A 635 19.91 -37.47 -13.82
C VAL A 635 20.37 -36.73 -15.06
N PHE A 636 19.98 -37.23 -16.23
CA PHE A 636 20.27 -36.57 -17.49
C PHE A 636 19.14 -35.62 -17.85
N ARG A 637 19.48 -34.55 -18.58
CA ARG A 637 18.50 -33.55 -18.96
C ARG A 637 18.52 -33.35 -20.47
N LYS A 638 17.35 -33.36 -21.09
CA LYS A 638 17.26 -33.05 -22.50
C LYS A 638 17.56 -31.56 -22.71
N VAL A 639 18.42 -31.28 -23.69
CA VAL A 639 18.86 -29.92 -23.95
C VAL A 639 17.97 -29.29 -25.03
N HIS A 640 17.38 -28.15 -24.71
CA HIS A 640 16.54 -27.45 -25.67
C HIS A 640 17.38 -26.88 -26.80
N ALA A 641 16.76 -26.71 -27.96
CA ALA A 641 17.48 -26.22 -29.13
C ALA A 641 17.94 -24.78 -28.94
N ARG A 642 17.20 -23.98 -28.17
CA ARG A 642 17.61 -22.61 -27.91
C ARG A 642 18.88 -22.57 -27.07
N GLU A 643 18.96 -23.41 -26.04
CA GLU A 643 20.14 -23.44 -25.18
C GLU A 643 21.33 -24.00 -25.94
N HIS A 644 22.49 -23.38 -25.75
CA HIS A 644 23.71 -23.74 -26.48
C HIS A 644 24.72 -24.36 -25.52
N PRO A 645 24.89 -25.68 -25.53
CA PRO A 645 25.94 -26.31 -24.73
C PRO A 645 27.28 -26.23 -25.44
N ILE A 646 28.28 -26.85 -24.82
CA ILE A 646 29.62 -26.90 -25.39
C ILE A 646 29.66 -27.81 -26.61
N LEU A 647 28.69 -28.72 -26.75
CA LEU A 647 28.55 -29.78 -27.74
C LEU A 647 29.58 -30.89 -27.54
N SER A 648 30.39 -30.83 -26.49
CA SER A 648 31.19 -31.96 -26.05
C SER A 648 30.65 -32.59 -24.78
N THR A 649 29.88 -31.82 -23.99
CA THR A 649 29.28 -32.36 -22.78
C THR A 649 28.10 -33.28 -23.10
N VAL A 650 27.37 -32.97 -24.18
CA VAL A 650 26.14 -33.71 -24.48
C VAL A 650 26.47 -35.13 -24.90
N ILE A 651 25.61 -36.06 -24.49
CA ILE A 651 25.75 -37.49 -24.82
C ILE A 651 24.41 -37.98 -25.34
N THR A 652 24.44 -38.71 -26.45
CA THR A 652 23.23 -39.26 -27.06
C THR A 652 23.10 -40.73 -26.65
N ILE A 653 22.13 -41.01 -25.78
CA ILE A 653 21.93 -42.39 -25.33
C ILE A 653 21.34 -43.23 -26.45
N ALA A 654 20.34 -42.71 -27.16
CA ALA A 654 19.62 -43.39 -28.23
C ALA A 654 19.06 -44.74 -27.79
N PRO A 662 16.07 -56.60 -32.75
CA PRO A 662 15.33 -57.81 -32.37
C PRO A 662 14.94 -57.83 -30.90
N LEU A 663 13.90 -57.08 -30.55
CA LEU A 663 13.45 -57.02 -29.18
C LEU A 663 12.79 -58.35 -28.77
N THR A 664 12.89 -58.65 -27.48
CA THR A 664 12.52 -59.98 -26.97
C THR A 664 11.03 -60.18 -26.78
N SER A 665 10.21 -59.15 -27.07
CA SER A 665 8.75 -59.15 -26.98
C SER A 665 8.26 -59.17 -25.53
N LYS A 666 9.19 -59.28 -24.59
CA LYS A 666 8.94 -58.98 -23.19
C LYS A 666 9.39 -57.57 -22.86
N GLU A 667 10.46 -57.11 -23.50
CA GLU A 667 10.91 -55.74 -23.32
C GLU A 667 10.01 -54.75 -24.05
N GLU A 668 9.34 -55.19 -25.13
CA GLU A 668 8.35 -54.32 -25.77
C GLU A 668 7.18 -54.03 -24.82
N GLU A 669 6.74 -55.04 -24.06
CA GLU A 669 5.68 -54.81 -23.09
C GLU A 669 6.14 -53.87 -21.99
N GLU A 670 7.39 -54.01 -21.54
CA GLU A 670 7.93 -53.10 -20.55
C GLU A 670 7.99 -51.67 -21.08
N ARG A 671 8.39 -51.50 -22.35
CA ARG A 671 8.39 -50.19 -22.96
C ARG A 671 6.98 -49.63 -23.07
N ARG A 672 6.01 -50.48 -23.41
CA ARG A 672 4.62 -50.03 -23.51
C ARG A 672 4.09 -49.56 -22.16
N ILE A 673 4.40 -50.30 -21.09
CA ILE A 673 3.97 -49.89 -19.76
C ILE A 673 4.66 -48.60 -19.34
N ALA A 674 5.96 -48.49 -19.59
CA ALA A 674 6.71 -47.29 -19.22
C ALA A 674 6.27 -46.07 -20.04
N GLU A 675 5.74 -46.30 -21.24
CA GLU A 675 5.33 -45.18 -22.09
C GLU A 675 4.08 -44.50 -21.54
N MET A 676 3.27 -45.22 -20.76
CA MET A 676 2.12 -44.60 -20.11
C MET A 676 2.51 -43.59 -19.04
N GLY A 677 3.78 -43.57 -18.63
CA GLY A 677 4.24 -42.67 -17.60
C GLY A 677 4.52 -41.24 -18.03
N ARG A 678 4.45 -40.94 -19.32
CA ARG A 678 4.74 -39.59 -19.77
C ARG A 678 3.60 -38.65 -19.35
N PRO A 679 3.91 -37.38 -19.10
CA PRO A 679 2.87 -36.45 -18.65
C PRO A 679 1.80 -36.23 -19.71
N ILE A 680 0.56 -36.10 -19.25
CA ILE A 680 -0.59 -35.84 -20.11
C ILE A 680 -1.35 -34.65 -19.54
N LEU A 681 -2.31 -34.16 -20.30
CA LEU A 681 -3.19 -33.10 -19.84
C LEU A 681 -4.42 -33.68 -19.15
N GLY A 682 -5.04 -32.87 -18.31
CA GLY A 682 -6.16 -33.28 -17.52
C GLY A 682 -7.49 -32.85 -18.12
N GLU A 683 -8.47 -32.67 -17.24
CA GLU A 683 -9.82 -32.32 -17.69
C GLU A 683 -9.89 -30.88 -18.18
N HIS A 684 -9.29 -29.96 -17.45
CA HIS A 684 -9.42 -28.53 -17.72
C HIS A 684 -8.10 -28.01 -18.28
N THR A 685 -8.11 -27.57 -19.54
CA THR A 685 -6.91 -27.01 -20.16
C THR A 685 -7.07 -25.55 -20.55
N LYS A 686 -8.28 -25.02 -20.57
CA LYS A 686 -8.53 -23.64 -20.97
C LYS A 686 -9.35 -22.96 -19.89
N LEU A 687 -8.76 -21.98 -19.22
CA LEU A 687 -9.42 -21.26 -18.14
C LEU A 687 -9.88 -19.91 -18.67
N GLU A 688 -11.18 -19.63 -18.57
CA GLU A 688 -11.74 -18.36 -19.00
C GLU A 688 -11.85 -17.45 -17.78
N VAL A 689 -11.09 -16.36 -17.79
CA VAL A 689 -11.11 -15.38 -16.72
C VAL A 689 -12.03 -14.25 -17.14
N ILE A 690 -13.09 -14.03 -16.36
CA ILE A 690 -14.09 -13.01 -16.64
C ILE A 690 -13.81 -11.83 -15.72
N ILE A 691 -13.42 -10.70 -16.29
CA ILE A 691 -13.11 -9.52 -15.49
C ILE A 691 -14.40 -8.79 -15.17
N GLU A 692 -14.68 -8.64 -13.88
CA GLU A 692 -15.84 -7.92 -13.38
C GLU A 692 -15.38 -6.61 -12.75
N GLU A 693 -16.34 -5.75 -12.44
CA GLU A 693 -16.03 -4.41 -11.97
C GLU A 693 -15.42 -4.42 -10.57
N SER A 694 -14.64 -3.37 -10.28
CA SER A 694 -14.04 -3.23 -8.96
C SER A 694 -15.11 -3.02 -7.89
N TYR A 695 -14.93 -3.67 -6.75
CA TYR A 695 -15.96 -3.63 -5.71
C TYR A 695 -15.98 -2.30 -4.97
N GLU A 696 -14.81 -1.68 -4.77
CA GLU A 696 -14.74 -0.42 -4.03
C GLU A 696 -15.48 0.69 -4.76
N PHE A 697 -15.23 0.82 -6.07
CA PHE A 697 -15.89 1.87 -6.85
C PHE A 697 -17.39 1.62 -6.93
N LYS A 698 -17.80 0.37 -7.12
CA LYS A 698 -19.22 0.04 -7.19
C LYS A 698 -19.92 0.37 -5.88
N SER A 699 -19.31 0.00 -4.75
CA SER A 699 -19.91 0.28 -3.45
C SER A 699 -19.96 1.78 -3.18
N THR A 700 -18.90 2.50 -3.54
CA THR A 700 -18.88 3.95 -3.34
C THR A 700 -19.96 4.64 -4.16
N VAL A 701 -20.11 4.25 -5.42
CA VAL A 701 -21.12 4.89 -6.27
C VAL A 701 -22.52 4.52 -5.81
N ASP A 702 -22.73 3.27 -5.39
CA ASP A 702 -24.04 2.88 -4.88
C ASP A 702 -24.40 3.66 -3.63
N LYS A 703 -23.45 3.82 -2.71
CA LYS A 703 -23.70 4.61 -1.50
C LYS A 703 -23.93 6.08 -1.82
N LEU A 704 -23.19 6.61 -2.80
CA LEU A 704 -23.37 8.01 -3.20
C LEU A 704 -24.73 8.25 -3.80
N ILE A 705 -25.20 7.33 -4.64
CA ILE A 705 -26.54 7.47 -5.24
C ILE A 705 -27.61 7.30 -4.17
N LYS A 706 -27.40 6.39 -3.22
CA LYS A 706 -28.36 6.21 -2.14
C LYS A 706 -28.46 7.47 -1.28
N LYS A 707 -27.32 8.09 -0.97
CA LYS A 707 -27.29 9.27 -0.11
C LYS A 707 -27.53 10.57 -0.88
N THR A 708 -27.40 10.53 -2.21
CA THR A 708 -27.53 11.67 -3.14
C THR A 708 -26.94 12.97 -2.61
N ASN A 717 -29.31 27.96 -14.08
CA ASN A 717 -29.63 26.73 -13.36
C ASN A 717 -28.81 26.65 -12.07
N SER A 718 -27.51 26.36 -12.23
CA SER A 718 -26.64 26.19 -11.07
C SER A 718 -26.50 27.48 -10.27
N TRP A 719 -26.50 28.63 -10.94
CA TRP A 719 -26.51 29.92 -10.26
C TRP A 719 -27.72 30.03 -9.35
N ARG A 720 -28.90 29.69 -9.88
CA ARG A 720 -30.13 29.77 -9.11
C ARG A 720 -30.09 28.81 -7.92
N GLU A 721 -29.60 27.59 -8.14
CA GLU A 721 -29.53 26.61 -7.06
C GLU A 721 -28.59 27.07 -5.95
N GLN A 722 -27.43 27.62 -6.32
CA GLN A 722 -26.51 28.15 -5.32
C GLN A 722 -27.13 29.30 -4.55
N PHE A 723 -27.88 30.17 -5.25
CA PHE A 723 -28.51 31.30 -4.56
C PHE A 723 -29.60 30.84 -3.58
N ILE A 724 -30.42 29.86 -3.96
CA ILE A 724 -31.47 29.45 -3.01
C ILE A 724 -30.88 28.63 -1.88
N GLU A 725 -29.78 27.89 -2.15
CA GLU A 725 -29.15 27.15 -1.07
C GLU A 725 -28.43 28.09 -0.11
N ALA A 726 -28.00 29.26 -0.59
CA ALA A 726 -27.42 30.27 0.29
C ALA A 726 -28.43 30.76 1.32
N ILE A 727 -29.67 31.01 0.90
CA ILE A 727 -30.71 31.52 1.78
C ILE A 727 -31.62 30.36 2.17
N THR A 728 -31.33 29.75 3.31
CA THR A 728 -32.16 28.67 3.85
C THR A 728 -32.38 28.84 5.34
N SER A 747 -31.97 22.43 16.87
CA SER A 747 -32.11 22.96 15.53
C SER A 747 -31.97 24.48 15.52
N CYS A 748 -32.24 25.11 16.67
CA CYS A 748 -32.15 26.56 16.76
C CYS A 748 -30.72 27.05 16.60
N PHE A 749 -29.73 26.27 17.04
CA PHE A 749 -28.33 26.64 16.87
C PHE A 749 -27.97 26.76 15.39
N ASP A 750 -28.50 25.85 14.56
CA ASP A 750 -28.31 25.96 13.13
C ASP A 750 -28.91 27.23 12.57
N TYR A 751 -30.09 27.62 13.06
CA TYR A 751 -30.70 28.88 12.64
C TYR A 751 -29.83 30.07 13.03
N VAL A 752 -29.29 30.07 14.25
CA VAL A 752 -28.44 31.17 14.69
C VAL A 752 -27.18 31.26 13.84
N MET A 753 -26.55 30.11 13.57
CA MET A 753 -25.35 30.10 12.75
C MET A 753 -25.64 30.57 11.33
N HIS A 754 -26.76 30.11 10.75
CA HIS A 754 -27.10 30.51 9.38
C HIS A 754 -27.38 32.00 9.30
N PHE A 755 -28.11 32.56 10.28
CA PHE A 755 -28.38 33.99 10.25
C PHE A 755 -27.07 34.77 10.47
N LEU A 756 -26.21 34.23 11.31
CA LEU A 756 -24.92 34.83 11.65
C LEU A 756 -23.93 34.90 10.49
N THR A 757 -24.04 33.96 9.58
CA THR A 757 -23.19 33.94 8.38
C THR A 757 -23.94 34.20 7.08
N VAL A 758 -25.21 34.60 7.14
CA VAL A 758 -26.00 34.82 5.92
C VAL A 758 -25.44 35.93 5.05
N PHE A 759 -24.76 36.93 5.62
CA PHE A 759 -24.17 37.98 4.80
C PHE A 759 -23.06 37.40 3.93
N TRP A 760 -22.16 36.62 4.54
CA TRP A 760 -21.06 36.04 3.78
C TRP A 760 -21.55 35.00 2.79
N LYS A 761 -22.55 34.20 3.17
CA LYS A 761 -23.09 33.21 2.22
C LYS A 761 -23.76 33.89 1.03
N VAL A 762 -24.52 34.96 1.26
CA VAL A 762 -25.15 35.68 0.16
C VAL A 762 -24.08 36.32 -0.72
N LEU A 763 -23.06 36.95 -0.12
CA LEU A 763 -22.03 37.61 -0.91
C LEU A 763 -21.22 36.61 -1.73
N PHE A 764 -20.89 35.46 -1.15
CA PHE A 764 -20.10 34.46 -1.86
C PHE A 764 -20.93 33.55 -2.74
N ALA A 765 -22.26 33.66 -2.69
CA ALA A 765 -23.08 33.04 -3.72
C ALA A 765 -22.88 33.70 -5.08
N PHE A 766 -22.35 34.92 -5.11
CA PHE A 766 -22.00 35.59 -6.36
C PHE A 766 -20.74 35.02 -6.99
N VAL A 767 -20.04 34.11 -6.31
CA VAL A 767 -18.93 33.40 -6.93
C VAL A 767 -19.48 32.42 -7.96
N PRO A 768 -18.90 32.34 -9.15
CA PRO A 768 -19.39 31.39 -10.16
C PRO A 768 -19.26 29.95 -9.70
N PRO A 769 -20.20 29.09 -10.07
CA PRO A 769 -20.12 27.68 -9.66
C PRO A 769 -18.92 26.98 -10.29
N THR A 770 -18.49 25.91 -9.62
CA THR A 770 -17.27 25.20 -9.99
C THR A 770 -17.38 24.43 -11.30
N GLU A 771 -18.58 24.31 -11.88
CA GLU A 771 -18.70 23.62 -13.16
C GLU A 771 -18.23 24.47 -14.33
N TYR A 772 -18.38 25.80 -14.24
CA TYR A 772 -17.98 26.68 -15.33
C TYR A 772 -16.48 26.73 -15.49
N TRP A 773 -16.03 26.77 -16.76
CA TRP A 773 -14.62 26.95 -17.12
C TRP A 773 -13.73 25.88 -16.53
N ASN A 774 -14.25 24.65 -16.40
CA ASN A 774 -13.55 23.51 -15.82
C ASN A 774 -13.08 23.81 -14.39
N GLY A 775 -13.82 24.67 -13.69
CA GLY A 775 -13.48 25.10 -12.36
C GLY A 775 -12.76 26.44 -12.30
N TRP A 776 -12.03 26.78 -13.37
CA TRP A 776 -11.18 27.97 -13.36
C TRP A 776 -11.99 29.24 -13.14
N ALA A 777 -13.27 29.25 -13.55
CA ALA A 777 -14.14 30.39 -13.32
C ALA A 777 -14.23 30.71 -11.83
N CYS A 778 -14.34 29.69 -10.99
CA CYS A 778 -14.26 29.94 -9.55
C CYS A 778 -12.86 30.35 -9.15
N PHE A 779 -11.84 29.67 -9.70
CA PHE A 779 -10.48 29.82 -9.24
C PHE A 779 -9.99 31.25 -9.39
N ILE A 780 -10.32 31.89 -10.52
CA ILE A 780 -9.92 33.28 -10.74
C ILE A 780 -10.73 34.21 -9.84
N VAL A 781 -12.02 33.95 -9.65
CA VAL A 781 -12.85 34.92 -8.96
C VAL A 781 -12.71 34.78 -7.44
N SER A 782 -12.54 33.54 -6.95
CA SER A 782 -12.45 33.34 -5.51
C SER A 782 -11.19 33.95 -4.93
N ILE A 783 -10.05 33.79 -5.61
CA ILE A 783 -8.77 34.21 -5.04
C ILE A 783 -8.75 35.73 -4.82
N LEU A 784 -9.29 36.49 -5.77
CA LEU A 784 -9.43 37.93 -5.57
C LEU A 784 -10.31 38.22 -4.37
N MET A 785 -11.41 37.48 -4.23
CA MET A 785 -12.28 37.65 -3.07
C MET A 785 -11.57 37.26 -1.78
N ILE A 786 -10.50 36.48 -1.86
CA ILE A 786 -9.62 36.33 -0.71
C ILE A 786 -8.76 37.57 -0.53
N GLY A 787 -8.05 37.95 -1.59
CA GLY A 787 -7.01 38.97 -1.55
C GLY A 787 -7.46 40.28 -0.95
N LEU A 788 -8.46 40.89 -1.59
CA LEU A 788 -9.08 42.11 -1.05
C LEU A 788 -9.48 41.91 0.40
N LEU A 789 -10.20 40.82 0.67
CA LEU A 789 -10.62 40.53 2.04
C LEU A 789 -9.42 40.42 2.96
N THR A 790 -8.37 39.74 2.51
CA THR A 790 -7.18 39.59 3.32
C THR A 790 -6.55 40.94 3.61
N ALA A 791 -6.55 41.83 2.63
CA ALA A 791 -6.03 43.18 2.83
C ALA A 791 -6.73 43.87 3.98
N PHE A 792 -8.07 43.72 4.04
CA PHE A 792 -8.84 44.32 5.14
C PHE A 792 -8.32 43.85 6.48
N ILE A 793 -8.04 42.55 6.59
CA ILE A 793 -7.56 41.98 7.85
C ILE A 793 -6.29 42.71 8.28
N GLY A 794 -5.37 42.91 7.34
CA GLY A 794 -4.13 43.58 7.67
C GLY A 794 -4.35 44.95 8.28
N ASP A 795 -5.24 45.74 7.67
CA ASP A 795 -5.51 47.07 8.19
C ASP A 795 -6.08 46.98 9.60
N LEU A 796 -6.99 46.04 9.83
CA LEU A 796 -7.54 45.87 11.17
C LEU A 796 -6.43 45.47 12.14
N ALA A 797 -5.57 44.55 11.72
CA ALA A 797 -4.46 44.14 12.58
C ALA A 797 -3.47 45.28 12.78
N SER A 798 -3.44 46.24 11.86
CA SER A 798 -2.55 47.39 12.05
C SER A 798 -3.15 48.39 13.01
N HIS A 799 -4.48 48.40 13.18
CA HIS A 799 -5.13 49.43 13.99
C HIS A 799 -5.49 48.94 15.38
N PHE A 800 -6.00 47.72 15.53
CA PHE A 800 -6.25 47.17 16.85
C PHE A 800 -4.96 47.10 17.67
N GLY A 801 -3.81 46.96 16.98
CA GLY A 801 -2.55 47.07 17.68
C GLY A 801 -2.27 48.47 18.19
N CYS A 802 -2.54 49.49 17.36
CA CYS A 802 -2.13 50.84 17.73
C CYS A 802 -3.11 51.49 18.69
N THR A 803 -4.39 51.12 18.64
CA THR A 803 -5.38 51.70 19.54
C THR A 803 -5.14 51.27 20.98
N ILE A 804 -4.93 49.98 21.22
CA ILE A 804 -4.64 49.50 22.55
C ILE A 804 -3.19 49.74 22.95
N GLY A 805 -2.27 49.70 22.00
CA GLY A 805 -0.86 49.79 22.32
C GLY A 805 -0.21 48.42 22.34
N LEU A 806 -0.67 47.55 21.45
CA LEU A 806 -0.16 46.19 21.32
C LEU A 806 0.74 46.12 20.10
N LYS A 807 1.93 45.53 20.27
CA LYS A 807 2.88 45.44 19.18
C LYS A 807 2.37 44.51 18.09
N ASP A 808 2.85 44.73 16.87
CA ASP A 808 2.35 43.97 15.73
C ASP A 808 2.76 42.51 15.79
N SER A 809 3.89 42.21 16.42
CA SER A 809 4.33 40.82 16.56
C SER A 809 3.34 40.02 17.39
N VAL A 810 2.87 40.58 18.50
CA VAL A 810 1.96 39.85 19.39
C VAL A 810 0.61 39.62 18.70
N THR A 811 0.03 40.67 18.12
CA THR A 811 -1.25 40.53 17.44
C THR A 811 -1.15 39.71 16.17
N ALA A 812 0.05 39.55 15.61
CA ALA A 812 0.25 38.57 14.55
C ALA A 812 0.27 37.16 15.11
N VAL A 813 0.93 36.96 16.26
CA VAL A 813 1.12 35.62 16.80
C VAL A 813 -0.21 35.03 17.28
N VAL A 814 -0.98 35.79 18.05
CA VAL A 814 -2.10 35.17 18.74
C VAL A 814 -3.41 35.32 17.97
N PHE A 815 -3.68 36.47 17.34
CA PHE A 815 -4.98 36.71 16.72
C PHE A 815 -5.01 36.34 15.24
N VAL A 816 -4.16 36.97 14.42
CA VAL A 816 -4.24 36.80 12.98
C VAL A 816 -3.82 35.39 12.57
N ALA A 817 -2.81 34.83 13.25
CA ALA A 817 -2.37 33.47 12.93
C ALA A 817 -3.46 32.45 13.18
N LEU A 818 -4.24 32.62 14.26
CA LEU A 818 -5.35 31.73 14.52
C LEU A 818 -6.47 31.93 13.51
N GLY A 819 -6.69 33.17 13.07
CA GLY A 819 -7.79 33.44 12.16
C GLY A 819 -7.54 32.98 10.74
N THR A 820 -6.30 33.05 10.27
CA THR A 820 -5.99 32.71 8.89
C THR A 820 -5.54 31.26 8.72
N SER A 821 -5.47 30.49 9.79
CA SER A 821 -5.12 29.08 9.71
C SER A 821 -6.31 28.17 9.99
N VAL A 822 -7.51 28.72 10.14
CA VAL A 822 -8.72 27.93 10.29
C VAL A 822 -9.15 27.21 9.00
N PRO A 823 -8.86 27.67 7.77
CA PRO A 823 -9.16 26.79 6.63
C PRO A 823 -8.28 25.54 6.57
N ASP A 824 -7.08 25.57 7.18
CA ASP A 824 -6.21 24.40 7.16
C ASP A 824 -6.70 23.31 8.11
N THR A 825 -7.21 23.71 9.28
CA THR A 825 -7.54 22.73 10.31
C THR A 825 -8.72 21.86 9.90
N PHE A 826 -9.65 22.37 9.09
CA PHE A 826 -10.76 21.55 8.65
C PHE A 826 -10.30 20.47 7.69
N ALA A 827 -9.42 20.82 6.75
CA ALA A 827 -8.87 19.82 5.84
C ALA A 827 -8.06 18.78 6.59
N SER A 828 -7.25 19.21 7.55
CA SER A 828 -6.45 18.25 8.33
C SER A 828 -7.34 17.34 9.16
N LYS A 829 -8.39 17.89 9.78
CA LYS A 829 -9.28 17.08 10.60
C LYS A 829 -10.06 16.07 9.77
N VAL A 830 -10.59 16.48 8.61
CA VAL A 830 -11.33 15.55 7.76
C VAL A 830 -10.41 14.47 7.22
N ALA A 831 -9.20 14.85 6.80
CA ALA A 831 -8.25 13.86 6.30
C ALA A 831 -7.84 12.87 7.39
N ALA A 832 -7.67 13.34 8.62
CA ALA A 832 -7.36 12.43 9.72
C ALA A 832 -8.54 11.50 10.01
N THR A 833 -9.77 12.01 9.95
CA THR A 833 -10.93 11.21 10.32
C THR A 833 -11.21 10.12 9.28
N GLN A 834 -11.19 10.47 7.99
CA GLN A 834 -11.71 9.56 6.98
C GLN A 834 -10.67 8.60 6.42
N ASP A 835 -9.39 8.97 6.43
CA ASP A 835 -8.36 8.16 5.79
C ASP A 835 -8.12 6.86 6.54
N GLN A 836 -7.80 5.81 5.78
CA GLN A 836 -7.32 4.58 6.38
C GLN A 836 -5.96 4.80 7.03
N TYR A 837 -5.05 5.49 6.34
CA TYR A 837 -3.75 5.83 6.96
C TYR A 837 -3.65 7.35 7.03
N ALA A 838 -3.28 7.92 8.17
CA ALA A 838 -3.27 9.39 8.33
C ALA A 838 -1.98 10.00 7.78
N ASP A 839 -1.72 9.80 6.50
CA ASP A 839 -0.54 10.46 5.95
C ASP A 839 -0.91 11.86 5.47
N ALA A 840 -2.10 12.01 4.88
CA ALA A 840 -2.51 13.29 4.32
C ALA A 840 -2.75 14.34 5.40
N SER A 841 -3.21 13.93 6.58
CA SER A 841 -3.50 14.89 7.64
C SER A 841 -2.24 15.61 8.11
N ILE A 842 -1.19 14.85 8.40
CA ILE A 842 0.08 15.47 8.79
C ILE A 842 0.76 16.12 7.59
N GLY A 843 0.60 15.51 6.41
CA GLY A 843 1.22 16.07 5.22
C GLY A 843 0.67 17.43 4.84
N ASN A 844 -0.61 17.67 5.09
CA ASN A 844 -1.19 18.98 4.83
C ASN A 844 -0.58 20.03 5.75
N VAL A 845 -0.41 19.71 7.03
CA VAL A 845 0.22 20.63 7.97
C VAL A 845 1.65 20.95 7.54
N THR A 846 2.41 19.91 7.20
CA THR A 846 3.81 20.12 6.84
C THR A 846 3.95 20.89 5.53
N GLY A 847 3.13 20.55 4.53
CA GLY A 847 3.17 21.27 3.27
C GLY A 847 2.76 22.72 3.42
N SER A 848 1.74 22.98 4.25
CA SER A 848 1.35 24.37 4.51
C SER A 848 2.47 25.12 5.21
N ASN A 849 3.15 24.47 6.16
CA ASN A 849 4.20 25.16 6.90
C ASN A 849 5.42 25.46 6.02
N ALA A 850 5.71 24.61 5.05
CA ALA A 850 6.77 24.94 4.10
C ALA A 850 6.33 26.01 3.10
N VAL A 851 5.10 25.88 2.58
CA VAL A 851 4.61 26.75 1.53
C VAL A 851 4.44 28.18 2.05
N ASN A 852 4.03 28.34 3.31
CA ASN A 852 3.90 29.66 3.93
C ASN A 852 5.17 30.48 3.75
N VAL A 853 6.30 29.98 4.24
CA VAL A 853 7.56 30.68 4.05
C VAL A 853 7.89 30.81 2.57
N PHE A 854 8.00 29.66 1.88
CA PHE A 854 8.63 29.65 0.55
C PHE A 854 7.85 30.47 -0.47
N LEU A 855 6.54 30.62 -0.30
CA LEU A 855 5.80 31.54 -1.14
C LEU A 855 5.73 32.94 -0.53
N GLY A 856 5.11 33.09 0.64
CA GLY A 856 4.87 34.40 1.19
C GLY A 856 6.11 35.23 1.42
N ILE A 857 7.00 34.75 2.29
CA ILE A 857 8.20 35.50 2.60
C ILE A 857 9.10 35.58 1.37
N GLY A 858 9.12 34.50 0.58
CA GLY A 858 9.79 34.48 -0.70
C GLY A 858 9.46 35.64 -1.63
N VAL A 859 8.21 35.71 -2.12
CA VAL A 859 7.89 36.73 -3.11
C VAL A 859 7.90 38.11 -2.47
N ALA A 860 7.40 38.23 -1.23
CA ALA A 860 7.33 39.55 -0.59
C ALA A 860 8.72 40.15 -0.39
N TRP A 861 9.62 39.40 0.25
CA TRP A 861 10.95 39.92 0.49
C TRP A 861 11.77 40.01 -0.78
N SER A 862 11.52 39.13 -1.77
CA SER A 862 12.23 39.26 -3.04
C SER A 862 11.82 40.52 -3.78
N ILE A 863 10.52 40.83 -3.80
CA ILE A 863 10.05 42.06 -4.45
C ILE A 863 10.62 43.28 -3.75
N ALA A 864 10.59 43.28 -2.41
CA ALA A 864 11.16 44.39 -1.67
C ALA A 864 12.65 44.55 -1.94
N ALA A 865 13.38 43.43 -1.98
CA ALA A 865 14.82 43.47 -2.21
C ALA A 865 15.16 43.96 -3.61
N ILE A 866 14.42 43.49 -4.63
CA ILE A 866 14.68 43.94 -6.00
C ILE A 866 14.39 45.43 -6.12
N TYR A 867 13.26 45.89 -5.59
CA TYR A 867 12.92 47.30 -5.68
C TYR A 867 13.96 48.16 -4.99
N HIS A 868 14.35 47.78 -3.77
CA HIS A 868 15.31 48.59 -3.01
C HIS A 868 16.69 48.55 -3.65
N ALA A 869 17.16 47.39 -4.08
CA ALA A 869 18.49 47.27 -4.68
C ALA A 869 18.56 48.01 -6.01
N ALA A 870 17.50 47.94 -6.82
CA ALA A 870 17.47 48.72 -8.05
C ALA A 870 17.44 50.22 -7.75
N ASN A 871 16.69 50.63 -6.72
CA ASN A 871 16.63 52.03 -6.35
C ASN A 871 17.96 52.55 -5.80
N GLY A 872 18.81 51.66 -5.28
CA GLY A 872 20.09 52.06 -4.74
C GLY A 872 20.17 52.16 -3.23
N GLU A 873 19.15 51.70 -2.51
CA GLU A 873 19.15 51.70 -1.05
C GLU A 873 18.99 50.27 -0.57
N GLN A 874 19.81 49.88 0.41
CA GLN A 874 19.79 48.50 0.88
C GLN A 874 18.55 48.25 1.75
N PHE A 875 17.90 47.11 1.51
CA PHE A 875 16.65 46.77 2.17
C PHE A 875 16.93 46.20 3.56
N LYS A 876 16.26 46.77 4.58
CA LYS A 876 16.59 46.51 5.98
C LYS A 876 15.44 45.80 6.67
N VAL A 877 15.77 44.74 7.40
CA VAL A 877 14.83 44.05 8.30
C VAL A 877 15.54 43.83 9.63
N SER A 878 14.90 44.22 10.73
CA SER A 878 15.47 44.00 12.05
C SER A 878 15.24 42.55 12.46
N PRO A 879 16.28 41.76 12.69
CA PRO A 879 16.11 40.32 12.96
C PRO A 879 15.90 39.97 14.43
N GLY A 880 15.96 40.94 15.33
CA GLY A 880 16.03 40.63 16.75
C GLY A 880 14.79 39.95 17.30
N THR A 881 13.61 40.44 16.91
CA THR A 881 12.38 39.84 17.43
C THR A 881 12.09 38.50 16.78
N LEU A 882 12.27 38.41 15.45
CA LEU A 882 11.88 37.21 14.73
C LEU A 882 12.85 36.06 14.99
N ALA A 883 14.12 36.36 15.27
CA ALA A 883 15.11 35.32 15.47
C ALA A 883 14.77 34.45 16.68
N PHE A 884 14.36 35.08 17.79
CA PHE A 884 13.98 34.31 18.96
C PHE A 884 12.78 33.44 18.70
N SER A 885 11.77 33.97 18.01
CA SER A 885 10.56 33.21 17.74
C SER A 885 10.85 32.02 16.83
N VAL A 886 11.68 32.22 15.80
CA VAL A 886 11.96 31.10 14.89
C VAL A 886 12.84 30.05 15.58
N THR A 887 13.75 30.47 16.45
CA THR A 887 14.54 29.52 17.22
C THR A 887 13.66 28.70 18.16
N LEU A 888 12.72 29.37 18.85
CA LEU A 888 11.81 28.68 19.74
C LEU A 888 10.92 27.70 18.97
N PHE A 889 10.44 28.11 17.79
CA PHE A 889 9.62 27.21 16.98
C PHE A 889 10.41 25.99 16.53
N THR A 890 11.67 26.19 16.14
CA THR A 890 12.49 25.04 15.75
C THR A 890 12.71 24.08 16.91
N ILE A 891 13.01 24.64 18.09
CA ILE A 891 13.26 23.81 19.28
C ILE A 891 12.01 23.01 19.64
N PHE A 892 10.84 23.66 19.60
CA PHE A 892 9.61 22.96 19.95
C PHE A 892 9.17 21.99 18.84
N ALA A 893 9.52 22.28 17.58
CA ALA A 893 9.16 21.40 16.49
C ALA A 893 9.94 20.10 16.55
N PHE A 894 11.20 20.16 16.99
CA PHE A 894 11.95 18.93 17.20
C PHE A 894 11.28 18.05 18.27
N ILE A 895 10.81 18.67 19.35
CA ILE A 895 10.11 17.93 20.40
C ILE A 895 8.81 17.32 19.86
N ASN A 896 8.07 18.09 19.06
CA ASN A 896 6.83 17.59 18.47
C ASN A 896 7.10 16.38 17.58
N VAL A 897 8.14 16.46 16.74
CA VAL A 897 8.49 15.33 15.88
C VAL A 897 8.89 14.12 16.70
N GLY A 898 9.67 14.33 17.76
CA GLY A 898 10.06 13.23 18.63
C GLY A 898 8.87 12.57 19.29
N VAL A 899 7.93 13.36 19.78
CA VAL A 899 6.76 12.80 20.45
C VAL A 899 5.89 12.05 19.45
N LEU A 900 5.76 12.56 18.23
CA LEU A 900 5.01 11.84 17.21
C LEU A 900 5.68 10.51 16.85
N LEU A 901 7.00 10.50 16.76
CA LEU A 901 7.72 9.26 16.46
C LEU A 901 7.66 8.28 17.64
N TYR A 902 7.49 8.79 18.86
CA TYR A 902 7.38 7.90 20.02
C TYR A 902 6.14 7.03 19.95
N ARG A 903 5.09 7.49 19.27
CA ARG A 903 3.85 6.72 19.16
C ARG A 903 3.93 5.60 18.14
N ARG A 904 5.05 5.46 17.43
CA ARG A 904 5.23 4.38 16.47
C ARG A 904 5.40 3.01 17.11
N ARG A 905 5.57 2.94 18.43
CA ARG A 905 5.72 1.67 19.11
C ARG A 905 4.42 0.86 18.99
N PRO A 906 4.52 -0.46 18.86
CA PRO A 906 3.30 -1.29 18.78
C PRO A 906 2.44 -1.24 20.03
N GLU A 907 3.01 -0.86 21.18
CA GLU A 907 2.21 -0.69 22.38
C GLU A 907 1.25 0.48 22.24
N ILE A 908 1.69 1.57 21.59
CA ILE A 908 0.83 2.73 21.42
C ILE A 908 -0.29 2.43 20.42
N GLY A 909 0.06 1.84 19.28
CA GLY A 909 -0.91 1.45 18.26
C GLY A 909 -0.70 2.15 16.93
N GLY A 910 -0.34 3.43 16.96
CA GLY A 910 -0.16 4.16 15.72
C GLY A 910 0.24 5.59 16.00
N GLU A 911 0.43 6.33 14.90
CA GLU A 911 0.84 7.73 15.00
C GLU A 911 -0.24 8.59 15.63
N LEU A 912 -1.49 8.37 15.26
CA LEU A 912 -2.59 9.27 15.61
C LEU A 912 -3.69 8.46 16.28
N GLY A 913 -4.17 8.94 17.41
CA GLY A 913 -5.22 8.27 18.13
C GLY A 913 -4.72 7.08 18.94
N GLY A 914 -5.66 6.25 19.37
CA GLY A 914 -5.36 5.09 20.16
C GLY A 914 -6.15 5.06 21.46
N PRO A 915 -5.49 4.70 22.56
CA PRO A 915 -6.16 4.74 23.86
C PRO A 915 -6.42 6.17 24.30
N ARG A 916 -7.43 6.32 25.16
CA ARG A 916 -7.85 7.66 25.58
C ARG A 916 -6.78 8.37 26.39
N THR A 917 -6.04 7.62 27.22
CA THR A 917 -5.01 8.22 28.05
C THR A 917 -3.90 8.83 27.19
N ALA A 918 -3.42 8.08 26.19
CA ALA A 918 -2.39 8.59 25.31
C ALA A 918 -2.89 9.78 24.49
N LYS A 919 -4.14 9.72 24.03
CA LYS A 919 -4.74 10.84 23.31
C LYS A 919 -4.73 12.10 24.15
N LEU A 920 -5.24 12.00 25.39
CA LEU A 920 -5.32 13.16 26.25
C LEU A 920 -3.95 13.69 26.62
N LEU A 921 -2.99 12.80 26.90
CA LEU A 921 -1.66 13.23 27.26
C LEU A 921 -0.98 13.96 26.10
N THR A 922 -1.07 13.40 24.89
CA THR A 922 -0.42 14.02 23.74
C THR A 922 -1.08 15.36 23.39
N SER A 923 -2.41 15.42 23.43
CA SER A 923 -3.09 16.67 23.13
C SER A 923 -2.76 17.75 24.17
N CYS A 924 -2.74 17.38 25.45
CA CYS A 924 -2.42 18.35 26.49
C CYS A 924 -0.98 18.83 26.36
N LEU A 925 -0.05 17.93 26.01
CA LEU A 925 1.33 18.33 25.80
C LEU A 925 1.45 19.31 24.63
N PHE A 926 0.73 19.06 23.54
CA PHE A 926 0.82 19.96 22.40
C PHE A 926 0.22 21.33 22.70
N VAL A 927 -0.92 21.36 23.38
CA VAL A 927 -1.53 22.65 23.75
C VAL A 927 -0.62 23.41 24.70
N LEU A 928 0.01 22.70 25.65
CA LEU A 928 0.96 23.34 26.55
C LEU A 928 2.16 23.89 25.80
N LEU A 929 2.65 23.16 24.80
CA LEU A 929 3.77 23.63 24.00
C LEU A 929 3.41 24.90 23.24
N TRP A 930 2.21 24.94 22.64
CA TRP A 930 1.80 26.15 21.91
C TRP A 930 1.63 27.32 22.86
N LEU A 931 1.05 27.08 24.05
CA LEU A 931 0.89 28.15 25.03
C LEU A 931 2.23 28.70 25.47
N LEU A 932 3.20 27.81 25.73
CA LEU A 932 4.54 28.24 26.12
C LEU A 932 5.20 29.05 25.02
N TYR A 933 5.05 28.61 23.76
CA TYR A 933 5.61 29.34 22.63
C TYR A 933 5.06 30.76 22.57
N ILE A 934 3.73 30.90 22.57
CA ILE A 934 3.16 32.22 22.40
C ILE A 934 3.46 33.10 23.60
N PHE A 935 3.50 32.53 24.81
CA PHE A 935 3.81 33.31 26.01
C PHE A 935 5.23 33.84 25.96
N PHE A 936 6.19 32.98 25.63
CA PHE A 936 7.59 33.43 25.59
C PHE A 936 7.84 34.40 24.45
N SER A 937 7.22 34.18 23.29
CA SER A 937 7.39 35.11 22.18
C SER A 937 6.80 36.48 22.50
N SER A 938 5.61 36.50 23.12
CA SER A 938 5.00 37.77 23.49
C SER A 938 5.79 38.47 24.58
N LEU A 939 6.41 37.72 25.49
CA LEU A 939 7.23 38.35 26.52
C LEU A 939 8.52 38.91 25.95
N GLU A 940 9.11 38.23 24.97
CA GLU A 940 10.36 38.75 24.41
C GLU A 940 10.07 39.93 23.47
N ALA A 941 8.89 39.97 22.86
CA ALA A 941 8.53 41.10 22.01
C ALA A 941 8.47 42.40 22.80
N TYR A 942 8.19 42.33 24.09
CA TYR A 942 8.18 43.49 24.97
C TYR A 942 9.51 43.69 25.69
N CYS A 943 10.58 43.03 25.23
CA CYS A 943 11.95 43.15 25.70
C CYS A 943 12.15 42.64 27.11
N HIS A 944 11.16 41.94 27.68
CA HIS A 944 11.36 41.33 28.99
C HIS A 944 12.37 40.18 28.92
N ILE A 945 12.32 39.41 27.84
CA ILE A 945 13.20 38.25 27.60
C ILE A 945 13.14 37.23 28.74
#